data_6DD2
#
_entry.id   6DD2
#
_cell.length_a   79.390
_cell.length_b   83.749
_cell.length_c   188.855
_cell.angle_alpha   90.00
_cell.angle_beta   90.00
_cell.angle_gamma   90.00
#
_symmetry.space_group_name_H-M   'P 21 21 21'
#
_entity_poly.entity_id   1
_entity_poly.type   'polypeptide(L)'
_entity_poly.pdbx_seq_one_letter_code
;MEINVVRETMVRPAGATPQRVLWNSNVDLVIPRIHTASVYFYRPDPSGGEGYFEGGVLREALAKALVPFYPMAGRLKKDE
NGRFEINCNGEGVLLVEAAAANASVDEYARDFAPDVSFQRLIPSVDYTQDIGSFPLLVLQITRFKCGGASLGVGMEHHVA
DGMSGITFINTWAAMARGEDPKIVPYIDRTLLRANKPPIPKFPHVEYHPPPLLKHAAATNGHSNGKAKPQAGDDAPPRIA
VGLFKFTKEQLQALKSQATDEETNTTYSSYEMLSGHIWRSMCLARGLDDDQETKLYIATDGRARVVPPLPKHYFGNVIFT
CTPMALAGDLVSRPLYYAASVIHDAVSRMNDEYLRSALDYLELQPDLYKLVRGAHTFRSPNLGITSWSRLPVYDADFGWG
RPVFMGPAVIAFEGLVYVLPSGTGDGSLSISLGLQPEHMPRFEQLIGQI
;
_entity_poly.pdbx_strand_id   A,B
#
# COMPACT_ATOMS: atom_id res chain seq x y z
N ILE A 3 38.65 -23.96 1.37
CA ILE A 3 38.26 -22.56 1.46
C ILE A 3 38.58 -22.01 2.85
N ASN A 4 39.26 -20.86 2.89
CA ASN A 4 39.54 -20.16 4.13
C ASN A 4 38.48 -19.10 4.38
N VAL A 5 38.33 -18.72 5.65
CA VAL A 5 37.33 -17.73 6.06
C VAL A 5 38.03 -16.62 6.82
N VAL A 6 37.84 -15.39 6.37
CA VAL A 6 38.41 -14.24 7.06
C VAL A 6 37.44 -13.71 8.13
N ARG A 7 36.14 -13.73 7.85
CA ARG A 7 35.18 -13.11 8.73
C ARG A 7 33.81 -13.74 8.55
N GLU A 8 32.99 -13.64 9.59
CA GLU A 8 31.61 -14.10 9.57
C GLU A 8 30.78 -13.11 10.39
N THR A 9 29.91 -12.36 9.73
CA THR A 9 29.16 -11.29 10.37
C THR A 9 27.67 -11.52 10.22
N MET A 10 26.93 -11.35 11.31
CA MET A 10 25.46 -11.36 11.30
C MET A 10 25.00 -9.91 11.17
N VAL A 11 24.70 -9.49 9.95
CA VAL A 11 24.44 -8.09 9.64
C VAL A 11 22.95 -7.81 9.83
N ARG A 12 22.63 -6.88 10.72
CA ARG A 12 21.28 -6.42 10.98
C ARG A 12 21.07 -5.04 10.35
N PRO A 13 19.82 -4.66 10.06
CA PRO A 13 19.57 -3.39 9.34
C PRO A 13 20.21 -2.18 9.99
N ALA A 14 20.45 -1.13 9.19
CA ALA A 14 21.09 0.08 9.70
C ALA A 14 20.30 0.76 10.79
N GLY A 15 19.01 0.49 10.90
CA GLY A 15 18.19 1.02 11.97
C GLY A 15 16.78 1.32 11.49
N ALA A 16 15.87 1.50 12.45
CA ALA A 16 14.48 1.86 12.19
C ALA A 16 13.78 0.83 11.30
N THR A 17 13.45 -0.32 11.87
CA THR A 17 12.73 -1.36 11.15
C THR A 17 11.52 -1.82 11.96
N PRO A 18 10.38 -2.03 11.30
CA PRO A 18 9.19 -2.45 12.04
C PRO A 18 9.35 -3.84 12.63
N GLN A 19 8.70 -4.06 13.77
CA GLN A 19 8.71 -5.35 14.43
C GLN A 19 7.45 -6.14 14.08
N ARG A 20 7.28 -6.36 12.78
CA ARG A 20 6.12 -7.02 12.22
C ARG A 20 6.17 -8.53 12.44
N VAL A 21 5.04 -9.17 12.19
CA VAL A 21 4.94 -10.62 11.99
C VAL A 21 4.15 -10.80 10.70
N LEU A 22 4.84 -11.13 9.61
CA LEU A 22 4.20 -11.15 8.30
C LEU A 22 3.40 -12.42 8.11
N TRP A 23 2.09 -12.24 7.94
CA TRP A 23 1.25 -13.35 7.53
C TRP A 23 1.66 -13.76 6.13
N ASN A 24 1.56 -15.05 5.83
CA ASN A 24 1.94 -15.57 4.52
C ASN A 24 0.77 -16.16 3.71
N SER A 25 0.68 -15.77 2.44
CA SER A 25 -0.36 -16.24 1.52
C SER A 25 -0.17 -17.70 1.15
N ASN A 26 -1.26 -18.39 0.81
CA ASN A 26 -1.18 -19.80 0.47
C ASN A 26 -0.02 -20.08 -0.48
N VAL A 27 0.19 -19.22 -1.47
CA VAL A 27 1.35 -19.34 -2.35
C VAL A 27 2.64 -18.95 -1.65
N ASP A 28 2.56 -18.40 -0.45
CA ASP A 28 3.72 -18.21 0.41
C ASP A 28 4.02 -19.43 1.26
N LEU A 29 3.17 -20.46 1.19
CA LEU A 29 3.35 -21.69 1.95
C LEU A 29 3.68 -22.89 1.09
N VAL A 30 3.07 -23.03 -0.09
CA VAL A 30 3.33 -24.16 -0.97
C VAL A 30 4.49 -23.79 -1.91
N ILE A 31 5.67 -24.32 -1.60
CA ILE A 31 6.94 -24.00 -2.24
C ILE A 31 7.84 -25.21 -2.06
N PRO A 32 8.79 -25.52 -2.97
CA PRO A 32 9.66 -26.69 -2.74
C PRO A 32 10.82 -26.41 -1.77
N ARG A 33 10.63 -26.74 -0.50
CA ARG A 33 11.66 -26.68 0.54
C ARG A 33 12.22 -25.29 0.76
N ILE A 34 13.41 -25.22 1.35
CA ILE A 34 14.12 -23.98 1.63
C ILE A 34 15.38 -23.87 0.78
N HIS A 35 15.49 -24.69 -0.26
CA HIS A 35 16.59 -24.75 -1.22
C HIS A 35 16.90 -23.39 -1.85
N THR A 36 16.55 -23.25 -3.13
CA THR A 36 16.86 -22.10 -3.97
C THR A 36 18.19 -21.47 -3.56
N ALA A 37 19.27 -22.20 -3.82
CA ALA A 37 20.62 -21.68 -3.69
C ALA A 37 21.06 -21.08 -5.02
N SER A 38 22.03 -20.18 -4.95
CA SER A 38 22.52 -19.49 -6.13
C SER A 38 23.98 -19.15 -5.95
N VAL A 39 24.71 -19.16 -7.06
CA VAL A 39 26.12 -18.77 -7.08
C VAL A 39 26.32 -17.72 -8.17
N TYR A 40 27.07 -16.68 -7.85
CA TYR A 40 27.43 -15.63 -8.80
C TYR A 40 28.94 -15.65 -8.97
N PHE A 41 29.41 -15.69 -10.21
CA PHE A 41 30.83 -15.71 -10.52
C PHE A 41 31.23 -14.42 -11.20
N TYR A 42 32.27 -13.77 -10.69
CA TYR A 42 32.79 -12.52 -11.22
C TYR A 42 34.24 -12.69 -11.65
N ARG A 43 34.72 -11.74 -12.44
CA ARG A 43 36.09 -11.71 -12.93
C ARG A 43 36.56 -10.26 -12.96
N PRO A 44 37.87 -10.04 -12.92
CA PRO A 44 38.38 -8.66 -12.88
C PRO A 44 37.93 -7.84 -14.09
N ASP A 45 38.02 -6.52 -13.93
CA ASP A 45 37.44 -5.58 -14.88
C ASP A 45 38.38 -4.39 -15.10
N PRO A 46 38.00 -3.40 -15.93
CA PRO A 46 38.67 -2.10 -15.94
C PRO A 46 38.86 -1.51 -14.55
N GLY A 55 35.41 -5.25 1.45
CA GLY A 55 34.80 -5.88 2.61
C GLY A 55 34.09 -4.91 3.52
N GLY A 56 34.74 -3.78 3.80
CA GLY A 56 34.15 -2.75 4.65
C GLY A 56 32.98 -2.01 4.04
N VAL A 57 32.70 -2.24 2.76
CA VAL A 57 31.59 -1.60 2.08
C VAL A 57 30.46 -2.58 1.80
N LEU A 58 30.80 -3.82 1.44
CA LEU A 58 29.79 -4.86 1.24
C LEU A 58 28.95 -5.08 2.49
N ARG A 59 29.55 -4.89 3.67
CA ARG A 59 28.83 -5.08 4.92
C ARG A 59 27.79 -3.99 5.14
N GLU A 60 28.22 -2.73 5.14
CA GLU A 60 27.32 -1.62 5.41
C GLU A 60 26.27 -1.48 4.33
N ALA A 61 26.58 -1.86 3.09
CA ALA A 61 25.57 -1.87 2.04
C ALA A 61 24.48 -2.89 2.32
N LEU A 62 24.83 -4.00 2.99
CA LEU A 62 23.81 -4.98 3.35
C LEU A 62 22.90 -4.45 4.43
N ALA A 63 23.46 -3.80 5.46
CA ALA A 63 22.63 -3.20 6.49
C ALA A 63 21.77 -2.08 5.93
N LYS A 64 22.34 -1.28 5.02
CA LYS A 64 21.56 -0.21 4.40
C LYS A 64 20.44 -0.77 3.53
N ALA A 65 20.70 -1.90 2.86
CA ALA A 65 19.68 -2.56 2.05
C ALA A 65 18.70 -3.36 2.88
N LEU A 66 19.01 -3.63 4.15
CA LEU A 66 18.08 -4.33 5.03
C LEU A 66 17.14 -3.37 5.76
N VAL A 67 17.35 -2.06 5.62
CA VAL A 67 16.33 -1.11 6.06
C VAL A 67 15.05 -1.26 5.23
N PRO A 68 15.09 -1.26 3.88
CA PRO A 68 13.83 -1.44 3.12
C PRO A 68 13.39 -2.90 3.10
N PHE A 69 14.34 -3.83 3.12
CA PHE A 69 14.04 -5.27 3.06
C PHE A 69 14.26 -5.91 4.43
N TYR A 70 13.52 -5.43 5.41
CA TYR A 70 13.64 -5.96 6.77
C TYR A 70 13.15 -7.40 6.93
N PRO A 71 12.19 -7.90 6.13
CA PRO A 71 11.83 -9.32 6.27
C PRO A 71 12.97 -10.28 6.01
N MET A 72 14.01 -9.88 5.27
CA MET A 72 15.15 -10.76 5.07
C MET A 72 15.95 -10.92 6.36
N ALA A 73 15.97 -9.91 7.22
CA ALA A 73 16.68 -9.97 8.49
C ALA A 73 15.85 -10.60 9.59
N GLY A 74 14.69 -11.16 9.27
CA GLY A 74 13.81 -11.75 10.25
C GLY A 74 14.09 -13.22 10.50
N ARG A 75 13.13 -13.90 11.09
CA ARG A 75 13.26 -15.30 11.44
C ARG A 75 11.95 -16.02 11.15
N LEU A 76 12.06 -17.33 10.94
CA LEU A 76 10.89 -18.15 10.65
C LEU A 76 10.15 -18.51 11.93
N LYS A 77 8.82 -18.53 11.84
CA LYS A 77 7.99 -18.76 13.01
C LYS A 77 6.68 -19.41 12.59
N LYS A 78 6.11 -20.20 13.50
CA LYS A 78 4.79 -20.77 13.34
C LYS A 78 3.83 -20.08 14.30
N ASP A 79 2.56 -20.02 13.91
CA ASP A 79 1.54 -19.44 14.78
C ASP A 79 0.93 -20.55 15.63
N GLU A 80 -0.26 -20.30 16.17
CA GLU A 80 -0.93 -21.29 17.01
C GLU A 80 -1.58 -22.40 16.20
N ASN A 81 -1.86 -22.16 14.92
CA ASN A 81 -2.34 -23.19 14.01
C ASN A 81 -1.19 -23.94 13.35
N GLY A 82 0.06 -23.59 13.65
CA GLY A 82 1.21 -24.14 12.97
C GLY A 82 1.53 -23.47 11.65
N ARG A 83 0.78 -22.45 11.26
CA ARG A 83 1.01 -21.77 9.99
C ARG A 83 2.29 -20.94 10.04
N PHE A 84 3.10 -21.05 9.00
CA PHE A 84 4.38 -20.36 8.97
C PHE A 84 4.19 -18.85 8.83
N GLU A 85 5.01 -18.09 9.56
CA GLU A 85 5.04 -16.65 9.48
C GLU A 85 6.47 -16.17 9.27
N ILE A 86 6.63 -14.88 9.03
CA ILE A 86 7.94 -14.25 8.96
C ILE A 86 8.00 -13.28 10.13
N ASN A 87 8.72 -13.67 11.18
CA ASN A 87 8.86 -12.84 12.38
C ASN A 87 10.01 -11.86 12.15
N CYS A 88 9.68 -10.62 11.79
CA CYS A 88 10.69 -9.56 11.60
C CYS A 88 11.40 -9.25 12.91
N ASN A 89 12.37 -10.10 13.23
CA ASN A 89 13.19 -9.82 14.40
C ASN A 89 14.13 -8.65 14.16
N GLY A 90 14.66 -8.54 12.94
CA GLY A 90 15.83 -7.73 12.74
C GLY A 90 17.08 -8.37 13.28
N GLU A 91 17.07 -9.69 13.47
CA GLU A 91 18.20 -10.38 14.08
C GLU A 91 19.40 -10.44 13.16
N GLY A 92 19.19 -10.38 11.85
CA GLY A 92 20.27 -10.13 10.92
C GLY A 92 20.38 -11.19 9.84
N VAL A 93 21.25 -10.89 8.88
CA VAL A 93 21.56 -11.78 7.76
C VAL A 93 23.05 -12.10 7.82
N LEU A 94 23.40 -13.35 7.55
CA LEU A 94 24.78 -13.80 7.65
C LEU A 94 25.55 -13.45 6.39
N LEU A 95 26.63 -12.68 6.54
CA LEU A 95 27.52 -12.34 5.43
C LEU A 95 28.92 -12.85 5.74
N VAL A 96 29.43 -13.74 4.89
CA VAL A 96 30.74 -14.34 5.07
C VAL A 96 31.66 -13.85 3.97
N GLU A 97 32.91 -13.53 4.34
CA GLU A 97 33.95 -13.16 3.39
C GLU A 97 35.02 -14.24 3.43
N ALA A 98 35.02 -15.11 2.43
CA ALA A 98 35.97 -16.21 2.34
C ALA A 98 37.10 -15.87 1.37
N ALA A 99 38.17 -16.67 1.45
CA ALA A 99 39.32 -16.52 0.58
C ALA A 99 39.88 -17.90 0.25
N ALA A 100 40.26 -18.11 -1.00
CA ALA A 100 40.80 -19.39 -1.44
C ALA A 100 42.27 -19.26 -1.80
N ALA A 101 43.09 -20.16 -1.25
CA ALA A 101 44.52 -20.16 -1.52
C ALA A 101 44.82 -20.70 -2.90
N ASN A 102 44.25 -21.86 -3.23
CA ASN A 102 44.45 -22.49 -4.52
C ASN A 102 43.97 -21.56 -5.65
N ALA A 103 42.86 -20.89 -5.43
CA ALA A 103 42.30 -19.97 -6.42
C ALA A 103 42.01 -20.56 -7.80
N SER A 104 42.06 -19.67 -8.80
CA SER A 104 41.78 -19.98 -10.19
C SER A 104 40.34 -20.34 -10.37
N VAL A 105 39.56 -19.30 -10.40
CA VAL A 105 38.10 -19.35 -10.47
C VAL A 105 37.61 -20.43 -11.43
N ASP A 106 38.30 -20.59 -12.57
CA ASP A 106 37.84 -21.64 -13.45
C ASP A 106 38.52 -22.97 -13.15
N GLU A 107 39.55 -23.01 -12.31
CA GLU A 107 39.84 -24.25 -11.59
C GLU A 107 38.61 -24.65 -10.82
N TYR A 108 38.02 -23.66 -10.17
CA TYR A 108 36.95 -23.89 -9.23
C TYR A 108 35.63 -24.13 -9.94
N ALA A 109 35.26 -23.22 -10.84
CA ALA A 109 33.98 -23.34 -11.52
C ALA A 109 34.07 -24.28 -12.72
N ARG A 110 35.18 -24.22 -13.46
CA ARG A 110 35.39 -24.97 -14.71
C ARG A 110 34.25 -24.62 -15.65
N ASP A 111 33.41 -25.56 -16.06
CA ASP A 111 32.33 -25.26 -16.98
C ASP A 111 31.12 -24.64 -16.32
N PHE A 112 31.26 -24.16 -15.08
CA PHE A 112 30.17 -23.55 -14.31
C PHE A 112 29.05 -24.53 -13.98
N ALA A 113 29.24 -25.82 -14.21
CA ALA A 113 28.19 -26.79 -13.93
C ALA A 113 28.06 -27.01 -12.43
N PRO A 114 26.84 -27.09 -11.91
CA PRO A 114 26.65 -27.26 -10.47
C PRO A 114 27.25 -28.56 -9.95
N ASP A 115 27.85 -28.49 -8.77
CA ASP A 115 28.39 -29.67 -8.08
C ASP A 115 28.67 -29.28 -6.63
N VAL A 116 29.11 -30.25 -5.84
CA VAL A 116 29.22 -30.08 -4.40
C VAL A 116 30.22 -28.98 -4.04
N SER A 117 31.24 -28.77 -4.87
CA SER A 117 32.20 -27.72 -4.56
C SER A 117 31.56 -26.32 -4.60
N PHE A 118 30.44 -26.18 -5.31
CA PHE A 118 29.70 -24.92 -5.24
C PHE A 118 29.01 -24.75 -3.90
N GLN A 119 28.62 -25.86 -3.27
CA GLN A 119 28.03 -25.85 -1.94
C GLN A 119 28.99 -25.29 -0.88
N ARG A 120 30.26 -25.12 -1.21
CA ARG A 120 31.24 -24.56 -0.29
C ARG A 120 31.40 -23.05 -0.43
N LEU A 121 30.89 -22.47 -1.52
CA LEU A 121 30.73 -21.03 -1.64
C LEU A 121 29.51 -20.52 -0.90
N ILE A 122 28.97 -21.34 0.00
CA ILE A 122 27.70 -21.11 0.68
C ILE A 122 27.80 -21.64 2.09
N PRO A 123 27.13 -20.99 3.04
CA PRO A 123 27.22 -21.43 4.44
C PRO A 123 26.55 -22.78 4.67
N SER A 124 26.93 -23.39 5.81
CA SER A 124 26.55 -24.78 6.10
C SER A 124 25.12 -24.87 6.62
N VAL A 125 24.79 -24.16 7.70
CA VAL A 125 23.44 -23.86 8.19
C VAL A 125 22.53 -25.08 8.34
N ASP A 126 21.98 -25.28 9.54
CA ASP A 126 21.10 -26.42 9.82
C ASP A 126 19.66 -25.95 9.97
N TYR A 127 18.83 -26.25 8.94
CA TYR A 127 17.38 -26.03 9.04
C TYR A 127 16.74 -26.95 10.05
N THR A 128 17.25 -28.18 10.19
CA THR A 128 16.68 -29.14 11.14
C THR A 128 16.54 -28.54 12.54
N GLN A 129 17.37 -27.56 12.88
CA GLN A 129 17.26 -26.81 14.13
C GLN A 129 15.96 -26.02 14.16
N ASP A 130 15.72 -25.36 15.30
CA ASP A 130 14.50 -24.57 15.46
C ASP A 130 14.50 -23.41 14.47
N ILE A 131 13.32 -23.15 13.89
CA ILE A 131 13.23 -22.23 12.77
C ILE A 131 13.54 -20.80 13.20
N GLY A 132 13.21 -20.46 14.44
CA GLY A 132 13.33 -19.09 14.89
C GLY A 132 14.75 -18.62 15.14
N SER A 133 15.74 -19.46 14.79
CA SER A 133 17.12 -19.12 15.09
C SER A 133 18.07 -19.66 14.01
N PHE A 134 17.65 -19.62 12.76
CA PHE A 134 18.58 -19.63 11.64
C PHE A 134 18.23 -18.48 10.70
N PRO A 135 19.21 -17.88 10.05
CA PRO A 135 18.91 -16.73 9.18
C PRO A 135 18.13 -17.17 7.95
N LEU A 136 17.11 -16.36 7.61
CA LEU A 136 16.34 -16.64 6.40
C LEU A 136 17.20 -16.53 5.14
N LEU A 137 18.22 -15.68 5.16
CA LEU A 137 19.11 -15.51 4.01
C LEU A 137 20.55 -15.45 4.50
N VAL A 138 21.43 -16.16 3.78
CA VAL A 138 22.86 -16.16 4.02
C VAL A 138 23.57 -15.74 2.75
N LEU A 139 24.66 -14.98 2.89
CA LEU A 139 25.41 -14.47 1.77
C LEU A 139 26.90 -14.71 2.02
N GLN A 140 27.60 -15.22 1.00
CA GLN A 140 29.03 -15.45 1.08
C GLN A 140 29.73 -14.74 -0.06
N ILE A 141 30.87 -14.12 0.24
CA ILE A 141 31.72 -13.46 -0.74
C ILE A 141 33.08 -14.15 -0.70
N THR A 142 33.36 -14.95 -1.71
CA THR A 142 34.61 -15.71 -1.79
C THR A 142 35.47 -15.14 -2.91
N ARG A 143 36.59 -14.53 -2.55
CA ARG A 143 37.54 -13.97 -3.48
C ARG A 143 38.62 -15.01 -3.82
N PHE A 144 39.26 -14.83 -4.98
CA PHE A 144 40.25 -15.79 -5.44
C PHE A 144 41.60 -15.13 -5.73
N LYS A 145 42.27 -15.57 -6.79
CA LYS A 145 43.70 -15.29 -6.98
C LYS A 145 43.96 -13.94 -7.65
N CYS A 146 43.34 -13.68 -8.80
CA CYS A 146 43.62 -12.47 -9.57
C CYS A 146 42.39 -11.58 -9.76
N GLY A 147 41.38 -11.74 -8.92
CA GLY A 147 40.20 -10.92 -9.04
C GLY A 147 38.92 -11.71 -9.18
N GLY A 148 39.02 -13.02 -9.10
CA GLY A 148 37.83 -13.86 -9.18
C GLY A 148 37.04 -13.79 -7.89
N ALA A 149 35.73 -13.55 -8.03
CA ALA A 149 34.83 -13.43 -6.88
C ALA A 149 33.68 -14.39 -7.06
N SER A 150 33.10 -14.81 -5.94
CA SER A 150 32.01 -15.79 -5.93
C SER A 150 31.01 -15.40 -4.85
N LEU A 151 29.79 -15.07 -5.26
CA LEU A 151 28.71 -14.73 -4.34
C LEU A 151 27.77 -15.92 -4.22
N GLY A 152 27.67 -16.48 -3.01
CA GLY A 152 26.75 -17.56 -2.72
C GLY A 152 25.55 -17.04 -1.93
N VAL A 153 24.36 -17.44 -2.37
CA VAL A 153 23.11 -16.95 -1.81
C VAL A 153 22.27 -18.15 -1.38
N GLY A 154 21.89 -18.20 -0.10
CA GLY A 154 20.99 -19.23 0.38
C GLY A 154 19.79 -18.65 1.09
N MET A 155 18.61 -18.78 0.48
CA MET A 155 17.41 -18.08 0.92
C MET A 155 16.35 -19.06 1.39
N GLU A 156 15.62 -18.66 2.44
CA GLU A 156 14.42 -19.39 2.85
C GLU A 156 13.25 -19.02 1.94
N HIS A 157 12.46 -20.03 1.57
CA HIS A 157 11.39 -19.79 0.61
C HIS A 157 10.23 -19.01 1.21
N HIS A 158 9.99 -19.17 2.52
CA HIS A 158 8.80 -18.60 3.14
C HIS A 158 8.84 -17.07 3.25
N VAL A 159 9.94 -16.43 2.90
CA VAL A 159 10.06 -14.99 3.04
C VAL A 159 9.78 -14.26 1.73
N ALA A 160 10.24 -14.80 0.61
CA ALA A 160 10.09 -14.15 -0.70
C ALA A 160 10.47 -15.16 -1.77
N ASP A 161 9.94 -14.93 -2.98
CA ASP A 161 10.22 -15.83 -4.08
C ASP A 161 11.59 -15.51 -4.68
N GLY A 162 11.89 -16.11 -5.83
CA GLY A 162 13.15 -15.80 -6.49
C GLY A 162 13.21 -14.36 -6.96
N MET A 163 12.13 -13.86 -7.57
CA MET A 163 12.13 -12.50 -8.10
C MET A 163 12.36 -11.48 -6.99
N SER A 164 11.62 -11.59 -5.88
CA SER A 164 11.82 -10.68 -4.76
C SER A 164 13.19 -10.85 -4.12
N GLY A 165 13.83 -12.01 -4.28
CA GLY A 165 15.16 -12.21 -3.76
C GLY A 165 16.22 -11.57 -4.63
N ILE A 166 16.05 -11.65 -5.95
CA ILE A 166 16.98 -10.98 -6.85
C ILE A 166 16.85 -9.47 -6.72
N THR A 167 15.64 -8.97 -6.44
CA THR A 167 15.48 -7.54 -6.20
C THR A 167 16.34 -7.08 -5.03
N PHE A 168 16.42 -7.89 -3.98
CA PHE A 168 17.24 -7.54 -2.83
C PHE A 168 18.72 -7.52 -3.19
N ILE A 169 19.19 -8.58 -3.85
CA ILE A 169 20.60 -8.67 -4.23
C ILE A 169 20.98 -7.50 -5.14
N ASN A 170 20.07 -7.11 -6.04
CA ASN A 170 20.32 -5.94 -6.88
C ASN A 170 20.34 -4.66 -6.04
N THR A 171 19.38 -4.52 -5.12
CA THR A 171 19.37 -3.36 -4.23
C THR A 171 20.65 -3.30 -3.41
N TRP A 172 21.09 -4.45 -2.89
CA TRP A 172 22.34 -4.49 -2.13
C TRP A 172 23.52 -4.09 -3.00
N ALA A 173 23.56 -4.57 -4.25
CA ALA A 173 24.65 -4.24 -5.14
C ALA A 173 24.62 -2.77 -5.55
N ALA A 174 23.42 -2.24 -5.83
CA ALA A 174 23.30 -0.83 -6.18
C ALA A 174 23.78 0.08 -5.05
N MET A 175 23.60 -0.35 -3.79
CA MET A 175 24.05 0.45 -2.67
C MET A 175 25.57 0.36 -2.50
N ALA A 176 26.14 -0.83 -2.69
CA ALA A 176 27.58 -0.99 -2.55
C ALA A 176 28.33 -0.20 -3.61
N ARG A 177 27.71 0.03 -4.77
CA ARG A 177 28.31 0.81 -5.84
C ARG A 177 28.48 2.29 -5.48
N GLY A 178 27.95 2.72 -4.33
CA GLY A 178 27.96 4.12 -3.98
C GLY A 178 26.77 4.89 -4.49
N GLU A 179 25.66 4.22 -4.78
CA GLU A 179 24.44 4.84 -5.27
C GLU A 179 23.37 4.76 -4.18
N ASP A 180 22.10 4.68 -4.58
CA ASP A 180 20.99 4.62 -3.63
C ASP A 180 19.87 3.80 -4.26
N PRO A 181 19.00 3.20 -3.45
CA PRO A 181 18.11 2.14 -3.99
C PRO A 181 16.91 2.63 -4.83
N LYS A 182 16.37 3.82 -4.50
CA LYS A 182 15.14 4.40 -5.06
C LYS A 182 13.87 3.68 -4.61
N ILE A 183 13.99 2.42 -4.23
CA ILE A 183 12.87 1.49 -4.18
C ILE A 183 12.35 1.34 -2.76
N VAL A 184 11.03 1.39 -2.63
CA VAL A 184 10.33 0.99 -1.40
C VAL A 184 9.57 -0.29 -1.73
N PRO A 185 9.74 -1.35 -0.94
CA PRO A 185 9.04 -2.60 -1.23
C PRO A 185 7.63 -2.58 -0.66
N TYR A 186 6.73 -3.24 -1.38
CA TYR A 186 5.36 -3.44 -0.92
C TYR A 186 5.34 -4.73 -0.11
N ILE A 187 5.06 -4.61 1.17
CA ILE A 187 5.14 -5.72 2.11
C ILE A 187 3.75 -5.88 2.71
N ASP A 188 2.94 -6.76 2.10
CA ASP A 188 1.60 -7.08 2.58
C ASP A 188 1.07 -8.28 1.81
N ARG A 189 1.08 -9.46 2.44
CA ARG A 189 0.65 -10.68 1.77
C ARG A 189 -0.84 -10.93 1.90
N THR A 190 -1.59 -10.00 2.50
CA THR A 190 -3.04 -10.16 2.61
C THR A 190 -3.75 -9.93 1.28
N LEU A 191 -3.06 -9.42 0.27
CA LEU A 191 -3.67 -9.29 -1.05
C LEU A 191 -4.05 -10.66 -1.61
N LEU A 192 -3.17 -11.65 -1.45
CA LEU A 192 -3.41 -12.98 -1.97
C LEU A 192 -4.15 -13.84 -0.95
N ARG A 193 -5.01 -13.21 -0.16
CA ARG A 193 -5.82 -13.95 0.80
C ARG A 193 -7.02 -14.57 0.10
N ALA A 194 -7.25 -15.85 0.36
CA ALA A 194 -8.39 -16.54 -0.23
C ALA A 194 -9.69 -15.97 0.31
N ASN A 195 -10.73 -16.02 -0.53
CA ASN A 195 -12.01 -15.46 -0.15
C ASN A 195 -12.67 -16.32 0.94
N LYS A 196 -13.66 -15.73 1.60
CA LYS A 196 -14.40 -16.40 2.67
C LYS A 196 -15.87 -16.51 2.28
N PRO A 197 -16.38 -17.71 2.02
CA PRO A 197 -15.63 -18.98 2.04
C PRO A 197 -14.94 -19.26 0.71
N PRO A 198 -13.98 -20.17 0.70
CA PRO A 198 -13.31 -20.53 -0.57
C PRO A 198 -14.30 -21.09 -1.58
N ILE A 199 -14.26 -20.55 -2.79
CA ILE A 199 -15.16 -20.96 -3.86
C ILE A 199 -14.36 -21.34 -5.09
N PRO A 200 -13.76 -22.54 -5.13
CA PRO A 200 -13.00 -22.93 -6.32
C PRO A 200 -13.88 -23.04 -7.54
N LYS A 201 -13.36 -22.57 -8.68
CA LYS A 201 -14.05 -22.62 -9.95
C LYS A 201 -13.46 -23.63 -10.92
N PHE A 202 -12.41 -24.33 -10.53
CA PHE A 202 -11.68 -25.23 -11.41
C PHE A 202 -11.26 -26.47 -10.63
N PRO A 203 -10.92 -27.56 -11.33
CA PRO A 203 -10.42 -28.74 -10.60
C PRO A 203 -9.00 -28.59 -10.10
N HIS A 204 -8.18 -27.76 -10.76
CA HIS A 204 -6.80 -27.48 -10.35
C HIS A 204 -5.97 -28.76 -10.28
N VAL A 205 -5.57 -29.21 -11.46
CA VAL A 205 -4.82 -30.45 -11.59
C VAL A 205 -3.35 -30.16 -11.28
N GLU A 206 -3.04 -28.89 -11.03
CA GLU A 206 -1.65 -28.53 -10.72
C GLU A 206 -1.16 -29.27 -9.49
N TYR A 207 -2.01 -29.38 -8.47
CA TYR A 207 -1.65 -29.99 -7.20
C TYR A 207 -2.17 -31.42 -7.07
N HIS A 208 -2.71 -31.98 -8.15
CA HIS A 208 -3.04 -33.39 -8.19
C HIS A 208 -1.75 -34.21 -8.17
N PRO A 209 -1.83 -35.47 -7.73
CA PRO A 209 -0.63 -36.30 -7.72
C PRO A 209 -0.11 -36.53 -9.11
N PRO A 210 1.20 -36.67 -9.27
CA PRO A 210 1.78 -36.85 -10.60
C PRO A 210 1.58 -38.27 -11.11
N PRO A 211 1.66 -38.47 -12.43
CA PRO A 211 1.61 -39.84 -12.95
C PRO A 211 2.82 -40.64 -12.51
N LEU A 212 2.61 -41.94 -12.28
CA LEU A 212 3.67 -42.84 -11.89
C LEU A 212 4.31 -43.48 -13.11
N LEU A 213 5.59 -43.80 -13.00
CA LEU A 213 6.28 -44.51 -14.06
C LEU A 213 5.63 -45.87 -14.27
N LYS A 214 5.37 -46.20 -15.54
CA LYS A 214 4.63 -47.40 -15.87
C LYS A 214 5.30 -48.64 -15.30
N HIS A 215 4.48 -49.56 -14.77
CA HIS A 215 4.99 -50.76 -14.11
C HIS A 215 5.26 -51.87 -15.12
N ARG A 238 25.94 -39.55 -6.66
CA ARG A 238 24.73 -40.29 -7.03
C ARG A 238 24.46 -40.19 -8.53
N ILE A 239 23.99 -39.02 -8.95
CA ILE A 239 23.61 -38.80 -10.34
C ILE A 239 24.66 -37.96 -11.05
N ALA A 240 24.35 -37.52 -12.27
CA ALA A 240 25.26 -36.72 -13.08
C ALA A 240 24.60 -35.40 -13.45
N VAL A 241 25.31 -34.31 -13.26
CA VAL A 241 24.83 -32.98 -13.61
C VAL A 241 25.24 -32.67 -15.05
N GLY A 242 24.38 -31.96 -15.77
CA GLY A 242 24.68 -31.60 -17.14
C GLY A 242 24.33 -30.16 -17.47
N LEU A 243 25.31 -29.39 -17.93
CA LEU A 243 25.11 -28.03 -18.40
C LEU A 243 25.15 -28.01 -19.92
N PHE A 244 24.13 -27.45 -20.54
CA PHE A 244 24.00 -27.46 -21.98
C PHE A 244 23.77 -26.04 -22.49
N LYS A 245 24.43 -25.71 -23.59
CA LYS A 245 24.38 -24.39 -24.18
C LYS A 245 23.48 -24.40 -25.41
N PHE A 246 22.66 -23.35 -25.53
CA PHE A 246 21.89 -23.10 -26.74
C PHE A 246 22.33 -21.76 -27.29
N THR A 247 23.06 -21.79 -28.41
CA THR A 247 23.54 -20.58 -29.04
C THR A 247 22.30 -19.82 -29.48
N LYS A 248 22.51 -18.65 -30.08
CA LYS A 248 21.39 -18.02 -30.79
C LYS A 248 21.15 -18.66 -32.16
N GLU A 249 22.20 -19.27 -32.73
CA GLU A 249 22.06 -19.93 -34.03
C GLU A 249 21.49 -21.32 -33.79
N GLN A 250 20.76 -21.52 -32.70
CA GLN A 250 19.96 -22.71 -32.50
C GLN A 250 18.48 -22.44 -32.23
N LEU A 251 18.24 -21.34 -31.54
CA LEU A 251 16.93 -20.90 -31.19
C LEU A 251 16.23 -20.38 -32.38
N GLN A 252 16.96 -20.04 -33.43
CA GLN A 252 16.38 -19.53 -34.65
C GLN A 252 15.49 -20.57 -35.27
N ALA A 253 15.98 -21.78 -35.28
CA ALA A 253 15.29 -22.88 -35.85
C ALA A 253 13.99 -23.22 -35.20
N LEU A 254 13.95 -23.14 -33.89
CA LEU A 254 12.75 -23.47 -33.22
C LEU A 254 11.68 -22.52 -33.66
N LYS A 255 11.92 -21.23 -33.61
CA LYS A 255 10.97 -20.26 -34.16
C LYS A 255 10.61 -20.58 -35.61
N SER A 256 11.44 -21.32 -36.32
CA SER A 256 11.11 -21.72 -37.69
C SER A 256 10.11 -22.86 -37.74
N GLN A 257 9.97 -23.64 -36.67
CA GLN A 257 8.98 -24.71 -36.58
C GLN A 257 7.87 -24.23 -35.65
N ALA A 258 6.94 -23.44 -36.20
CA ALA A 258 5.86 -22.88 -35.39
C ALA A 258 4.61 -22.75 -36.25
N THR A 259 3.59 -23.56 -35.95
CA THR A 259 2.27 -23.43 -36.57
C THR A 259 1.20 -24.09 -35.69
N ASN A 264 -2.49 -23.17 -37.05
CA ASN A 264 -3.22 -21.98 -36.61
C ASN A 264 -2.27 -20.90 -36.10
N THR A 265 -1.76 -21.11 -34.89
CA THR A 265 -1.01 -20.08 -34.18
C THR A 265 0.48 -20.15 -34.53
N THR A 266 1.28 -19.40 -33.79
CA THR A 266 2.74 -19.40 -33.94
C THR A 266 3.33 -19.12 -32.57
N TYR A 267 4.23 -20.00 -32.11
CA TYR A 267 4.68 -20.00 -30.73
C TYR A 267 6.04 -19.30 -30.60
N SER A 268 6.56 -19.27 -29.38
CA SER A 268 7.75 -18.52 -29.04
C SER A 268 8.92 -19.46 -28.76
N SER A 269 10.12 -18.87 -28.71
CA SER A 269 11.35 -19.65 -28.60
C SER A 269 11.38 -20.43 -27.29
N TYR A 270 11.03 -19.78 -26.18
CA TYR A 270 11.04 -20.47 -24.89
C TYR A 270 10.02 -21.60 -24.86
N GLU A 271 8.87 -21.39 -25.50
CA GLU A 271 7.86 -22.44 -25.56
C GLU A 271 8.34 -23.63 -26.39
N MET A 272 9.10 -23.36 -27.46
CA MET A 272 9.73 -24.45 -28.20
C MET A 272 10.84 -25.12 -27.39
N LEU A 273 11.77 -24.33 -26.85
CA LEU A 273 12.83 -24.92 -26.05
C LEU A 273 12.27 -25.80 -24.94
N SER A 274 11.33 -25.27 -24.16
CA SER A 274 10.71 -26.04 -23.08
C SER A 274 10.15 -27.36 -23.59
N GLY A 275 9.34 -27.32 -24.65
CA GLY A 275 8.84 -28.56 -25.23
C GLY A 275 9.94 -29.44 -25.80
N HIS A 276 11.00 -28.81 -26.31
CA HIS A 276 12.15 -29.58 -26.78
C HIS A 276 12.82 -30.34 -25.63
N ILE A 277 12.91 -29.70 -24.46
CA ILE A 277 13.48 -30.40 -23.30
C ILE A 277 12.50 -31.46 -22.80
N TRP A 278 11.21 -31.14 -22.79
CA TRP A 278 10.20 -32.14 -22.47
C TRP A 278 10.29 -33.33 -23.42
N ARG A 279 10.41 -33.04 -24.71
CA ARG A 279 10.52 -34.11 -25.71
C ARG A 279 11.80 -34.91 -25.51
N SER A 280 12.91 -34.23 -25.22
CA SER A 280 14.19 -34.92 -25.10
C SER A 280 14.21 -35.85 -23.91
N MET A 281 13.70 -35.39 -22.76
CA MET A 281 13.70 -36.23 -21.57
C MET A 281 12.76 -37.43 -21.71
N CYS A 282 11.66 -37.26 -22.45
CA CYS A 282 10.77 -38.38 -22.71
C CYS A 282 11.44 -39.43 -23.58
N LEU A 283 12.38 -39.02 -24.44
CA LEU A 283 13.16 -39.95 -25.24
C LEU A 283 14.44 -40.40 -24.55
N ALA A 284 15.00 -39.56 -23.67
CA ALA A 284 16.21 -39.94 -22.94
C ALA A 284 15.91 -41.01 -21.90
N ARG A 285 14.72 -40.96 -21.30
CA ARG A 285 14.32 -41.94 -20.29
C ARG A 285 13.71 -43.21 -20.90
N GLY A 286 13.58 -43.26 -22.22
CA GLY A 286 13.00 -44.43 -22.88
C GLY A 286 11.59 -44.72 -22.41
N LEU A 287 10.75 -43.69 -22.39
CA LEU A 287 9.40 -43.84 -21.87
C LEU A 287 8.49 -44.54 -22.88
N ASP A 288 7.65 -45.44 -22.37
CA ASP A 288 6.71 -46.14 -23.22
C ASP A 288 5.70 -45.15 -23.82
N ASP A 289 5.27 -45.45 -25.05
CA ASP A 289 4.58 -44.46 -25.87
C ASP A 289 3.26 -44.02 -25.26
N ASP A 290 2.59 -44.88 -24.49
CA ASP A 290 1.28 -44.58 -23.94
C ASP A 290 1.34 -44.05 -22.52
N GLN A 291 2.50 -43.59 -22.07
CA GLN A 291 2.68 -43.11 -20.71
C GLN A 291 2.33 -41.63 -20.61
N GLU A 292 1.59 -41.27 -19.57
CA GLU A 292 1.29 -39.88 -19.28
C GLU A 292 2.48 -39.24 -18.57
N THR A 293 2.86 -38.04 -19.02
CA THR A 293 3.94 -37.29 -18.40
C THR A 293 3.44 -35.91 -18.01
N LYS A 294 4.08 -35.34 -16.98
CA LYS A 294 3.64 -34.08 -16.39
C LYS A 294 4.82 -33.13 -16.29
N LEU A 295 4.61 -31.89 -16.72
CA LEU A 295 5.64 -30.85 -16.70
C LEU A 295 5.21 -29.78 -15.70
N TYR A 296 5.99 -29.62 -14.65
CA TYR A 296 5.69 -28.64 -13.59
C TYR A 296 6.41 -27.34 -13.91
N ILE A 297 5.68 -26.37 -14.44
CA ILE A 297 6.21 -25.06 -14.78
C ILE A 297 5.80 -24.08 -13.69
N ALA A 298 6.77 -23.34 -13.16
CA ALA A 298 6.47 -22.25 -12.26
C ALA A 298 5.99 -21.04 -13.06
N THR A 299 4.97 -20.35 -12.54
CA THR A 299 4.37 -19.23 -13.24
C THR A 299 4.29 -18.03 -12.32
N ASP A 300 4.72 -16.87 -12.84
CA ASP A 300 4.61 -15.61 -12.11
C ASP A 300 3.22 -15.03 -12.30
N GLY A 301 2.49 -14.84 -11.19
CA GLY A 301 1.17 -14.26 -11.22
C GLY A 301 1.13 -12.77 -10.92
N ARG A 302 2.28 -12.11 -10.78
CA ARG A 302 2.30 -10.69 -10.47
C ARG A 302 1.66 -9.86 -11.58
N ALA A 303 1.69 -10.35 -12.81
CA ALA A 303 1.25 -9.56 -13.96
C ALA A 303 -0.15 -9.93 -14.46
N ARG A 304 -0.64 -11.13 -14.16
CA ARG A 304 -1.93 -11.58 -14.66
C ARG A 304 -3.05 -11.48 -13.62
N VAL A 305 -2.75 -10.98 -12.42
CA VAL A 305 -3.76 -10.77 -11.40
C VAL A 305 -4.44 -9.43 -11.65
N VAL A 306 -5.76 -9.39 -11.47
CA VAL A 306 -6.56 -8.18 -11.66
C VAL A 306 -7.15 -7.79 -10.31
N PRO A 307 -6.87 -6.56 -9.81
CA PRO A 307 -5.97 -5.57 -10.39
C PRO A 307 -4.50 -5.95 -10.18
N PRO A 308 -3.60 -5.41 -11.01
CA PRO A 308 -2.19 -5.83 -10.93
C PRO A 308 -1.58 -5.51 -9.57
N LEU A 309 -0.75 -6.43 -9.09
CA LEU A 309 -0.07 -6.26 -7.82
C LEU A 309 0.89 -5.06 -7.88
N PRO A 310 1.19 -4.46 -6.73
CA PRO A 310 2.11 -3.31 -6.74
C PRO A 310 3.50 -3.70 -7.23
N LYS A 311 4.23 -2.70 -7.71
CA LYS A 311 5.62 -2.91 -8.08
C LYS A 311 6.43 -3.22 -6.83
N HIS A 312 7.43 -4.09 -6.99
CA HIS A 312 8.31 -4.52 -5.90
C HIS A 312 7.51 -5.15 -4.77
N TYR A 313 6.49 -5.92 -5.14
CA TYR A 313 5.77 -6.73 -4.17
C TYR A 313 6.70 -7.78 -3.58
N PHE A 314 6.88 -7.74 -2.27
CA PHE A 314 7.79 -8.64 -1.57
C PHE A 314 7.01 -9.82 -1.02
N GLY A 315 7.28 -11.00 -1.58
CA GLY A 315 6.57 -12.20 -1.20
C GLY A 315 6.77 -13.26 -2.26
N ASN A 316 5.92 -14.29 -2.18
CA ASN A 316 5.92 -15.38 -3.14
C ASN A 316 4.59 -15.37 -3.89
N VAL A 317 4.67 -15.16 -5.21
CA VAL A 317 3.52 -15.20 -6.11
C VAL A 317 3.56 -16.40 -7.04
N ILE A 318 4.63 -17.20 -6.99
CA ILE A 318 4.84 -18.30 -7.91
C ILE A 318 3.71 -19.33 -7.86
N PHE A 319 2.89 -19.36 -8.91
CA PHE A 319 1.84 -20.36 -9.09
C PHE A 319 2.34 -21.51 -9.95
N THR A 320 1.73 -22.67 -9.78
CA THR A 320 2.12 -23.89 -10.49
C THR A 320 1.27 -24.06 -11.73
N CYS A 321 1.91 -24.34 -12.86
CA CYS A 321 1.22 -24.64 -14.12
C CYS A 321 1.75 -25.96 -14.64
N THR A 322 0.85 -26.92 -14.86
CA THR A 322 1.23 -28.28 -15.25
C THR A 322 0.55 -28.70 -16.54
N PRO A 323 1.19 -28.49 -17.68
CA PRO A 323 0.73 -29.13 -18.91
C PRO A 323 1.00 -30.63 -18.87
N MET A 324 0.15 -31.38 -19.55
CA MET A 324 0.26 -32.84 -19.55
C MET A 324 -0.04 -33.37 -20.95
N ALA A 325 0.53 -34.55 -21.24
CA ALA A 325 0.34 -35.22 -22.51
C ALA A 325 0.89 -36.63 -22.40
N LEU A 326 0.49 -37.48 -23.34
CA LEU A 326 1.08 -38.81 -23.42
C LEU A 326 2.49 -38.73 -23.96
N ALA A 327 3.35 -39.64 -23.47
CA ALA A 327 4.76 -39.60 -23.83
C ALA A 327 4.97 -39.74 -25.34
N GLY A 328 4.12 -40.51 -26.01
CA GLY A 328 4.25 -40.71 -27.43
C GLY A 328 3.82 -39.52 -28.28
N ASP A 329 2.77 -38.83 -27.84
CA ASP A 329 2.31 -37.65 -28.59
C ASP A 329 3.36 -36.56 -28.64
N LEU A 330 4.18 -36.45 -27.58
CA LEU A 330 5.24 -35.45 -27.56
C LEU A 330 6.30 -35.75 -28.60
N VAL A 331 6.77 -37.00 -28.64
CA VAL A 331 7.96 -37.34 -29.41
C VAL A 331 7.68 -37.79 -30.84
N SER A 332 6.47 -38.29 -31.13
CA SER A 332 6.15 -38.74 -32.48
C SER A 332 5.64 -37.61 -33.36
N ARG A 333 4.98 -36.62 -32.78
CA ARG A 333 4.44 -35.49 -33.52
C ARG A 333 5.44 -34.34 -33.50
N PRO A 334 5.25 -33.34 -34.37
CA PRO A 334 6.24 -32.26 -34.46
C PRO A 334 6.42 -31.51 -33.15
N LEU A 335 7.43 -30.64 -33.15
CA LEU A 335 7.81 -29.92 -31.94
C LEU A 335 6.77 -28.87 -31.54
N TYR A 336 6.02 -28.34 -32.50
CA TYR A 336 5.03 -27.32 -32.17
C TYR A 336 3.85 -27.87 -31.39
N TYR A 337 3.65 -29.20 -31.39
CA TYR A 337 2.63 -29.79 -30.54
C TYR A 337 3.05 -29.72 -29.07
N ALA A 338 4.34 -29.91 -28.80
CA ALA A 338 4.84 -29.79 -27.43
C ALA A 338 4.67 -28.37 -26.90
N ALA A 339 4.73 -27.37 -27.78
CA ALA A 339 4.42 -26.01 -27.38
C ALA A 339 2.93 -25.77 -27.25
N SER A 340 2.12 -26.51 -28.02
CA SER A 340 0.68 -26.35 -27.95
C SER A 340 0.16 -26.70 -26.55
N VAL A 341 0.62 -27.81 -25.99
CA VAL A 341 0.20 -28.19 -24.65
C VAL A 341 0.78 -27.24 -23.61
N ILE A 342 1.95 -26.66 -23.89
CA ILE A 342 2.57 -25.75 -22.93
C ILE A 342 1.94 -24.36 -23.00
N HIS A 343 1.71 -23.86 -24.21
CA HIS A 343 1.18 -22.50 -24.35
C HIS A 343 -0.25 -22.41 -23.83
N ASP A 344 -1.11 -23.36 -24.23
CA ASP A 344 -2.50 -23.33 -23.78
C ASP A 344 -2.65 -23.55 -22.28
N ALA A 345 -1.66 -24.20 -21.66
CA ALA A 345 -1.71 -24.39 -20.21
C ALA A 345 -1.33 -23.10 -19.48
N VAL A 346 -0.36 -22.35 -19.99
CA VAL A 346 0.03 -21.10 -19.35
C VAL A 346 -1.03 -20.03 -19.60
N SER A 347 -1.63 -20.02 -20.78
CA SER A 347 -2.64 -19.01 -21.11
C SER A 347 -3.95 -19.23 -20.36
N ARG A 348 -4.10 -20.33 -19.64
CA ARG A 348 -5.30 -20.59 -18.86
C ARG A 348 -5.24 -20.00 -17.46
N MET A 349 -4.06 -19.55 -17.02
CA MET A 349 -3.85 -19.13 -15.64
C MET A 349 -4.13 -17.64 -15.45
N ASN A 350 -5.31 -17.18 -15.85
CA ASN A 350 -5.65 -15.77 -15.70
C ASN A 350 -6.07 -15.48 -14.26
N ASP A 351 -6.50 -14.24 -14.01
CA ASP A 351 -6.85 -13.83 -12.66
C ASP A 351 -7.97 -14.70 -12.09
N GLU A 352 -8.91 -15.11 -12.94
CA GLU A 352 -9.98 -16.01 -12.49
C GLU A 352 -9.42 -17.36 -12.08
N TYR A 353 -8.37 -17.82 -12.74
CA TYR A 353 -7.80 -19.13 -12.45
C TYR A 353 -6.86 -19.09 -11.26
N LEU A 354 -6.07 -18.01 -11.13
CA LEU A 354 -5.12 -17.91 -10.04
C LEU A 354 -5.83 -17.76 -8.69
N ARG A 355 -6.77 -16.82 -8.59
CA ARG A 355 -7.54 -16.66 -7.37
C ARG A 355 -8.40 -17.87 -7.05
N SER A 356 -8.75 -18.67 -8.07
CA SER A 356 -9.44 -19.92 -7.80
C SER A 356 -8.51 -20.94 -7.15
N ALA A 357 -7.22 -20.87 -7.44
CA ALA A 357 -6.26 -21.76 -6.78
C ALA A 357 -6.08 -21.39 -5.32
N LEU A 358 -5.98 -20.09 -5.02
CA LEU A 358 -5.88 -19.66 -3.63
C LEU A 358 -7.07 -20.16 -2.82
N ASP A 359 -8.27 -20.07 -3.37
CA ASP A 359 -9.43 -20.66 -2.72
C ASP A 359 -9.30 -22.18 -2.65
N TYR A 360 -8.75 -22.79 -3.70
CA TYR A 360 -8.61 -24.24 -3.74
C TYR A 360 -7.66 -24.73 -2.65
N LEU A 361 -6.46 -24.12 -2.57
CA LEU A 361 -5.46 -24.56 -1.60
C LEU A 361 -5.93 -24.35 -0.16
N GLU A 362 -6.85 -23.43 0.07
CA GLU A 362 -7.39 -23.21 1.41
C GLU A 362 -8.14 -24.43 1.93
N LEU A 363 -8.57 -25.32 1.04
CA LEU A 363 -9.36 -26.49 1.41
C LEU A 363 -8.54 -27.78 1.47
N GLN A 364 -7.23 -27.70 1.25
CA GLN A 364 -6.41 -28.89 1.17
C GLN A 364 -6.18 -29.49 2.56
N PRO A 365 -6.08 -30.82 2.65
CA PRO A 365 -6.04 -31.45 3.98
C PRO A 365 -4.77 -31.15 4.77
N ASP A 366 -3.61 -31.19 4.13
CA ASP A 366 -2.37 -30.81 4.79
C ASP A 366 -1.74 -29.63 4.08
N LEU A 367 -1.17 -28.72 4.86
CA LEU A 367 -0.79 -27.41 4.31
C LEU A 367 0.46 -27.49 3.45
N TYR A 368 1.47 -28.26 3.87
CA TYR A 368 2.74 -28.26 3.17
C TYR A 368 3.12 -29.61 2.58
N LYS A 369 2.17 -30.54 2.42
CA LYS A 369 2.52 -31.79 1.77
C LYS A 369 2.29 -31.76 0.26
N LEU A 370 1.56 -30.75 -0.23
CA LEU A 370 1.64 -30.44 -1.65
C LEU A 370 3.05 -30.03 -2.04
N VAL A 371 3.82 -29.54 -1.06
CA VAL A 371 5.26 -29.37 -1.24
C VAL A 371 5.85 -30.74 -1.55
N ARG A 372 6.44 -30.87 -2.74
CA ARG A 372 6.87 -32.16 -3.24
C ARG A 372 8.18 -31.92 -3.96
N GLY A 373 9.29 -32.24 -3.30
CA GLY A 373 10.60 -31.88 -3.77
C GLY A 373 11.39 -33.07 -4.27
N ALA A 374 11.56 -34.07 -3.43
CA ALA A 374 12.60 -35.08 -3.65
C ALA A 374 12.17 -36.16 -4.64
N HIS A 375 10.88 -36.40 -4.81
CA HIS A 375 10.50 -37.44 -5.75
C HIS A 375 9.23 -37.11 -6.51
N THR A 376 9.04 -35.85 -6.88
CA THR A 376 7.96 -35.50 -7.80
C THR A 376 8.45 -35.29 -9.21
N PHE A 377 9.63 -34.71 -9.37
CA PHE A 377 10.26 -34.63 -10.67
C PHE A 377 10.93 -35.94 -11.06
N ARG A 378 10.51 -37.05 -10.47
CA ARG A 378 10.90 -38.38 -10.94
C ARG A 378 10.44 -38.57 -12.38
N SER A 379 11.03 -39.56 -13.04
CA SER A 379 10.44 -40.05 -14.27
C SER A 379 9.03 -40.58 -13.95
N PRO A 380 8.04 -40.33 -14.81
CA PRO A 380 8.12 -39.68 -16.12
C PRO A 380 7.92 -38.16 -16.10
N ASN A 381 7.82 -37.57 -14.91
CA ASN A 381 7.52 -36.15 -14.79
C ASN A 381 8.81 -35.34 -14.78
N LEU A 382 8.67 -34.02 -14.74
CA LEU A 382 9.82 -33.12 -14.78
C LEU A 382 9.36 -31.72 -14.40
N GLY A 383 10.32 -30.87 -14.08
CA GLY A 383 10.03 -29.50 -13.72
C GLY A 383 11.01 -28.55 -14.38
N ILE A 384 10.50 -27.43 -14.85
CA ILE A 384 11.28 -26.43 -15.58
C ILE A 384 11.04 -25.08 -14.92
N THR A 385 12.04 -24.60 -14.18
CA THR A 385 12.03 -23.25 -13.64
C THR A 385 12.96 -22.37 -14.47
N SER A 386 12.43 -21.25 -14.95
CA SER A 386 13.15 -20.38 -15.86
C SER A 386 13.51 -19.07 -15.18
N TRP A 387 14.73 -18.59 -15.43
CA TRP A 387 15.19 -17.30 -14.92
C TRP A 387 15.47 -16.33 -16.07
N SER A 388 14.90 -16.58 -17.26
CA SER A 388 15.21 -15.80 -18.45
C SER A 388 14.45 -14.48 -18.45
N ARG A 389 13.97 -14.06 -17.28
CA ARG A 389 13.31 -12.77 -17.13
C ARG A 389 13.79 -11.97 -15.93
N LEU A 390 14.34 -12.61 -14.91
CA LEU A 390 14.78 -11.91 -13.73
C LEU A 390 16.08 -11.16 -14.02
N PRO A 391 16.19 -9.88 -13.66
CA PRO A 391 17.43 -9.14 -13.91
C PRO A 391 18.62 -9.74 -13.15
N VAL A 392 19.06 -10.92 -13.59
CA VAL A 392 20.06 -11.66 -12.85
C VAL A 392 21.42 -10.96 -12.93
N TYR A 393 21.82 -10.55 -14.13
CA TYR A 393 23.16 -10.00 -14.34
C TYR A 393 23.20 -8.51 -14.01
N ASP A 394 22.35 -8.08 -13.07
CA ASP A 394 22.35 -6.70 -12.59
C ASP A 394 22.92 -6.61 -11.17
N ALA A 395 23.83 -7.51 -10.82
CA ALA A 395 24.43 -7.51 -9.49
C ALA A 395 25.85 -6.97 -9.54
N ASP A 396 26.04 -5.83 -10.17
CA ASP A 396 27.35 -5.19 -10.25
C ASP A 396 27.64 -4.49 -8.93
N PHE A 397 28.71 -4.92 -8.25
CA PHE A 397 29.14 -4.30 -7.00
C PHE A 397 30.26 -3.29 -7.22
N GLY A 398 30.99 -3.39 -8.32
CA GLY A 398 32.21 -2.63 -8.52
C GLY A 398 33.27 -3.50 -9.14
N TRP A 399 33.07 -4.82 -9.05
CA TRP A 399 33.91 -5.81 -9.70
C TRP A 399 33.43 -6.14 -11.10
N GLY A 400 32.51 -5.37 -11.64
CA GLY A 400 31.89 -5.70 -12.91
C GLY A 400 30.64 -6.53 -12.71
N ARG A 401 30.15 -7.10 -13.79
CA ARG A 401 28.96 -7.90 -13.68
C ARG A 401 29.30 -9.37 -13.76
N PRO A 402 28.37 -10.18 -13.34
CA PRO A 402 28.51 -11.61 -13.31
C PRO A 402 28.69 -12.23 -14.65
N VAL A 403 29.55 -13.23 -14.64
CA VAL A 403 29.84 -14.00 -15.80
C VAL A 403 28.97 -15.19 -15.56
N PHE A 404 28.74 -15.51 -14.30
CA PHE A 404 27.82 -16.63 -14.06
C PHE A 404 26.80 -16.35 -12.96
N MET A 405 25.57 -16.81 -13.21
CA MET A 405 24.42 -16.76 -12.30
C MET A 405 23.68 -18.09 -12.48
N GLY A 406 23.79 -18.98 -11.49
CA GLY A 406 23.18 -20.29 -11.55
C GLY A 406 23.13 -21.01 -10.20
N PRO A 407 22.44 -22.18 -10.16
CA PRO A 407 22.29 -22.92 -8.90
C PRO A 407 23.59 -23.57 -8.46
N ALA A 408 23.70 -23.76 -7.15
CA ALA A 408 24.94 -24.31 -6.58
C ALA A 408 25.08 -25.79 -6.90
N VAL A 409 24.10 -26.60 -6.48
CA VAL A 409 24.14 -28.04 -6.65
C VAL A 409 22.78 -28.51 -7.17
N ILE A 410 22.81 -29.51 -8.04
CA ILE A 410 21.59 -30.20 -8.45
C ILE A 410 21.27 -31.24 -7.38
N ALA A 411 20.12 -31.10 -6.74
CA ALA A 411 19.73 -32.03 -5.69
C ALA A 411 19.45 -33.42 -6.25
N PHE A 412 18.56 -33.51 -7.23
CA PHE A 412 18.18 -34.80 -7.82
C PHE A 412 17.67 -34.55 -9.24
N GLU A 413 17.23 -35.63 -9.88
CA GLU A 413 16.82 -35.59 -11.27
C GLU A 413 15.50 -34.83 -11.45
N GLY A 414 15.33 -34.22 -12.62
CA GLY A 414 14.04 -33.80 -13.11
C GLY A 414 13.84 -32.30 -13.19
N LEU A 415 14.63 -31.51 -12.47
CA LEU A 415 14.47 -30.07 -12.45
C LEU A 415 15.39 -29.44 -13.48
N VAL A 416 14.82 -28.69 -14.41
CA VAL A 416 15.56 -27.97 -15.45
C VAL A 416 15.65 -26.50 -15.05
N TYR A 417 16.86 -25.97 -15.02
CA TYR A 417 17.10 -24.54 -14.82
C TYR A 417 17.37 -23.90 -16.16
N VAL A 418 16.49 -22.99 -16.59
CA VAL A 418 16.69 -22.26 -17.83
C VAL A 418 17.49 -21.00 -17.49
N LEU A 419 18.82 -21.09 -17.66
CA LEU A 419 19.69 -19.98 -17.34
C LEU A 419 19.49 -18.83 -18.32
N PRO A 420 19.87 -17.61 -17.92
CA PRO A 420 19.86 -16.49 -18.87
C PRO A 420 21.24 -16.21 -19.45
N SER A 421 21.30 -15.46 -20.54
CA SER A 421 22.56 -15.13 -21.18
C SER A 421 23.16 -13.87 -20.57
N GLY A 422 24.47 -13.91 -20.33
CA GLY A 422 25.17 -12.80 -19.71
C GLY A 422 25.88 -11.89 -20.70
N THR A 423 26.44 -12.48 -21.75
CA THR A 423 27.21 -11.73 -22.74
C THR A 423 26.33 -11.04 -23.79
N GLY A 424 25.05 -10.80 -23.49
CA GLY A 424 24.17 -10.16 -24.44
C GLY A 424 24.03 -10.88 -25.76
N ASP A 425 24.41 -12.15 -25.82
CA ASP A 425 24.41 -12.89 -27.07
C ASP A 425 23.00 -13.08 -27.61
N GLY A 426 22.04 -13.26 -26.72
CA GLY A 426 20.79 -13.90 -27.07
C GLY A 426 20.80 -15.38 -26.81
N SER A 427 21.77 -15.87 -26.03
CA SER A 427 21.91 -17.28 -25.75
C SER A 427 20.91 -17.71 -24.67
N LEU A 428 20.98 -19.00 -24.33
CA LEU A 428 20.10 -19.59 -23.33
C LEU A 428 20.68 -20.93 -22.88
N SER A 429 21.14 -21.01 -21.64
CA SER A 429 21.75 -22.23 -21.12
C SER A 429 20.79 -22.93 -20.17
N ILE A 430 21.02 -24.22 -20.00
CA ILE A 430 20.23 -25.04 -19.07
C ILE A 430 21.16 -25.92 -18.26
N SER A 431 20.85 -26.04 -16.97
CA SER A 431 21.51 -27.00 -16.09
C SER A 431 20.48 -28.05 -15.66
N LEU A 432 20.95 -29.27 -15.42
CA LEU A 432 20.02 -30.37 -15.29
C LEU A 432 20.68 -31.54 -14.58
N GLY A 433 19.87 -32.29 -13.85
CA GLY A 433 20.30 -33.55 -13.25
C GLY A 433 19.45 -34.69 -13.77
N LEU A 434 20.09 -35.84 -14.02
CA LEU A 434 19.40 -37.03 -14.48
C LEU A 434 20.13 -38.25 -13.94
N GLN A 435 19.51 -39.41 -14.09
CA GLN A 435 20.19 -40.65 -13.78
C GLN A 435 21.46 -40.75 -14.63
N PRO A 436 22.51 -41.41 -14.12
CA PRO A 436 23.77 -41.46 -14.88
C PRO A 436 23.64 -42.07 -16.26
N GLU A 437 22.66 -42.96 -16.48
CA GLU A 437 22.52 -43.64 -17.76
C GLU A 437 21.41 -43.05 -18.63
N HIS A 438 20.93 -41.85 -18.31
CA HIS A 438 20.02 -41.12 -19.18
C HIS A 438 20.62 -39.84 -19.73
N MET A 439 21.70 -39.35 -19.13
CA MET A 439 22.41 -38.15 -19.56
C MET A 439 23.17 -38.36 -20.88
N PRO A 440 23.85 -39.50 -21.08
CA PRO A 440 24.50 -39.71 -22.39
C PRO A 440 23.54 -39.61 -23.56
N ARG A 441 22.30 -40.07 -23.39
CA ARG A 441 21.30 -39.89 -24.44
C ARG A 441 20.82 -38.44 -24.47
N PHE A 442 20.35 -37.92 -23.34
CA PHE A 442 19.79 -36.57 -23.28
C PHE A 442 20.71 -35.55 -23.93
N GLU A 443 22.03 -35.74 -23.78
CA GLU A 443 22.97 -34.85 -24.45
C GLU A 443 22.90 -35.01 -25.97
N GLN A 444 22.56 -36.20 -26.45
CA GLN A 444 22.56 -36.46 -27.90
C GLN A 444 21.29 -35.96 -28.57
N LEU A 445 20.15 -35.95 -27.87
CA LEU A 445 18.93 -35.46 -28.47
C LEU A 445 18.74 -33.95 -28.32
N ILE A 446 19.36 -33.36 -27.29
CA ILE A 446 19.28 -31.91 -27.12
C ILE A 446 20.05 -31.19 -28.22
N GLY A 447 21.22 -31.71 -28.58
CA GLY A 447 22.03 -31.06 -29.60
C GLY A 447 21.38 -31.04 -30.96
N GLN A 448 20.49 -32.00 -31.23
CA GLN A 448 19.78 -32.07 -32.51
C GLN A 448 18.46 -31.34 -32.36
N ILE A 449 18.39 -30.14 -32.92
CA ILE A 449 17.25 -29.25 -32.75
C ILE A 449 16.01 -29.76 -33.48
N ILE B 3 -0.92 38.35 -7.26
CA ILE B 3 -2.24 38.64 -6.68
C ILE B 3 -2.35 40.12 -6.32
N ASN B 4 -3.33 40.80 -6.92
CA ASN B 4 -3.58 42.21 -6.66
C ASN B 4 -4.99 42.36 -6.09
N VAL B 5 -5.09 42.97 -4.91
CA VAL B 5 -6.38 43.14 -4.25
C VAL B 5 -7.10 44.35 -4.83
N VAL B 6 -8.40 44.21 -5.05
CA VAL B 6 -9.21 45.30 -5.57
C VAL B 6 -9.92 46.00 -4.41
N ARG B 7 -10.85 45.31 -3.77
CA ARG B 7 -11.68 45.91 -2.73
C ARG B 7 -11.58 45.10 -1.44
N GLU B 8 -11.49 45.83 -0.33
CA GLU B 8 -11.53 45.26 1.02
C GLU B 8 -12.76 45.82 1.71
N THR B 9 -13.68 44.95 2.11
CA THR B 9 -14.96 45.39 2.63
C THR B 9 -15.36 44.55 3.83
N MET B 10 -15.80 45.24 4.90
CA MET B 10 -16.46 44.60 6.03
C MET B 10 -17.96 44.72 5.78
N VAL B 11 -18.53 43.70 5.13
CA VAL B 11 -19.92 43.74 4.70
C VAL B 11 -20.81 43.36 5.88
N ARG B 12 -21.70 44.27 6.26
CA ARG B 12 -22.64 44.12 7.36
C ARG B 12 -23.99 43.65 6.86
N PRO B 13 -24.82 43.08 7.73
CA PRO B 13 -26.13 42.58 7.28
C PRO B 13 -27.02 43.70 6.76
N ALA B 14 -28.11 43.30 6.11
CA ALA B 14 -29.09 44.23 5.58
C ALA B 14 -30.01 44.81 6.65
N GLY B 15 -29.46 45.10 7.82
CA GLY B 15 -30.22 45.71 8.89
C GLY B 15 -31.11 44.72 9.64
N ALA B 16 -31.54 45.15 10.83
CA ALA B 16 -32.50 44.42 11.65
C ALA B 16 -31.99 43.02 12.00
N THR B 17 -30.94 43.00 12.82
CA THR B 17 -30.37 41.77 13.31
C THR B 17 -30.30 41.81 14.84
N PRO B 18 -30.67 40.72 15.52
CA PRO B 18 -30.74 40.75 16.98
C PRO B 18 -29.37 40.96 17.61
N GLN B 19 -29.28 41.99 18.45
CA GLN B 19 -28.06 42.27 19.21
C GLN B 19 -28.01 41.30 20.38
N ARG B 20 -27.45 40.13 20.13
CA ARG B 20 -27.44 39.02 21.07
C ARG B 20 -26.03 38.80 21.63
N VAL B 21 -25.94 37.85 22.55
CA VAL B 21 -24.68 37.24 22.96
C VAL B 21 -24.93 35.74 23.00
N LEU B 22 -24.34 35.02 22.04
CA LEU B 22 -24.66 33.61 21.85
C LEU B 22 -23.89 32.76 22.84
N TRP B 23 -24.62 32.08 23.73
CA TRP B 23 -23.99 31.13 24.64
C TRP B 23 -23.52 29.91 23.87
N ASN B 24 -22.36 29.38 24.26
CA ASN B 24 -21.73 28.28 23.55
C ASN B 24 -21.75 27.03 24.42
N SER B 25 -22.21 25.91 23.84
CA SER B 25 -22.20 24.64 24.53
C SER B 25 -20.77 24.12 24.65
N ASN B 26 -20.62 22.98 25.33
CA ASN B 26 -19.29 22.41 25.51
C ASN B 26 -18.67 22.02 24.16
N VAL B 27 -19.47 21.46 23.27
CA VAL B 27 -18.97 21.13 21.93
C VAL B 27 -18.79 22.36 21.06
N ASP B 28 -19.31 23.51 21.48
CA ASP B 28 -19.00 24.77 20.84
C ASP B 28 -17.69 25.37 21.32
N LEU B 29 -17.07 24.76 22.33
CA LEU B 29 -15.82 25.23 22.90
C LEU B 29 -14.63 24.33 22.58
N VAL B 30 -14.86 23.04 22.39
CA VAL B 30 -13.80 22.09 22.04
C VAL B 30 -13.93 21.81 20.54
N ILE B 31 -13.21 22.59 19.75
CA ILE B 31 -13.28 22.54 18.29
C ILE B 31 -11.87 22.38 17.71
N PRO B 32 -11.68 21.58 16.65
CA PRO B 32 -10.33 21.34 16.12
C PRO B 32 -9.56 22.61 15.80
N ARG B 33 -9.03 23.25 16.84
CA ARG B 33 -8.33 24.53 16.75
C ARG B 33 -9.25 25.63 16.22
N ILE B 34 -8.78 26.88 16.30
CA ILE B 34 -9.67 28.04 16.25
C ILE B 34 -10.51 28.09 14.96
N HIS B 35 -9.96 27.64 13.83
CA HIS B 35 -10.71 27.74 12.59
C HIS B 35 -10.08 26.86 11.52
N THR B 36 -10.93 26.34 10.64
CA THR B 36 -10.48 25.62 9.45
C THR B 36 -10.77 26.46 8.22
N ALA B 37 -9.90 26.33 7.23
CA ALA B 37 -10.01 27.05 5.96
C ALA B 37 -10.39 26.08 4.86
N SER B 38 -10.83 26.65 3.73
CA SER B 38 -11.24 25.86 2.59
C SER B 38 -11.18 26.74 1.35
N VAL B 39 -11.13 26.09 0.19
CA VAL B 39 -10.99 26.79 -1.08
C VAL B 39 -11.95 26.19 -2.09
N TYR B 40 -12.76 27.03 -2.71
CA TYR B 40 -13.56 26.67 -3.88
C TYR B 40 -12.81 27.07 -5.13
N PHE B 41 -12.81 26.20 -6.13
CA PHE B 41 -12.21 26.50 -7.42
C PHE B 41 -13.27 26.41 -8.51
N TYR B 42 -13.14 27.27 -9.52
CA TYR B 42 -14.18 27.41 -10.53
C TYR B 42 -13.56 27.47 -11.92
N ARG B 43 -14.13 26.71 -12.85
CA ARG B 43 -13.79 26.82 -14.26
C ARG B 43 -14.31 28.15 -14.82
N PRO B 44 -13.69 28.64 -15.88
CA PRO B 44 -14.21 29.85 -16.52
C PRO B 44 -15.45 29.56 -17.36
N ASP B 45 -16.35 30.53 -17.38
CA ASP B 45 -17.48 30.55 -18.31
C ASP B 45 -18.05 31.96 -18.36
N PRO B 46 -17.58 32.80 -19.29
CA PRO B 46 -18.08 34.17 -19.47
C PRO B 46 -19.56 34.20 -19.83
N GLY B 55 -18.99 41.80 -8.71
CA GLY B 55 -18.47 42.33 -7.46
C GLY B 55 -19.54 43.00 -6.60
N GLY B 56 -20.39 43.79 -7.24
CA GLY B 56 -21.48 44.44 -6.54
C GLY B 56 -22.66 43.55 -6.23
N VAL B 57 -22.83 42.47 -7.00
CA VAL B 57 -23.90 41.51 -6.72
C VAL B 57 -23.56 40.68 -5.49
N LEU B 58 -22.30 40.25 -5.38
CA LEU B 58 -21.89 39.39 -4.28
C LEU B 58 -21.71 40.14 -2.97
N ARG B 59 -21.59 41.47 -3.01
CA ARG B 59 -21.56 42.24 -1.78
C ARG B 59 -22.95 42.44 -1.19
N GLU B 60 -23.96 42.59 -2.05
CA GLU B 60 -25.33 42.69 -1.57
C GLU B 60 -25.89 41.34 -1.17
N ALA B 61 -25.53 40.29 -1.92
CA ALA B 61 -25.95 38.94 -1.54
C ALA B 61 -25.31 38.50 -0.23
N LEU B 62 -24.11 39.00 0.06
CA LEU B 62 -23.50 38.70 1.35
C LEU B 62 -24.23 39.41 2.48
N ALA B 63 -24.57 40.69 2.28
CA ALA B 63 -25.36 41.40 3.27
C ALA B 63 -26.74 40.76 3.43
N LYS B 64 -27.37 40.39 2.31
CA LYS B 64 -28.65 39.71 2.35
C LYS B 64 -28.56 38.31 2.94
N ALA B 65 -27.36 37.76 3.08
CA ALA B 65 -27.18 36.46 3.72
C ALA B 65 -26.88 36.57 5.21
N LEU B 66 -26.48 37.75 5.68
CA LEU B 66 -26.21 37.98 7.08
C LEU B 66 -27.45 38.41 7.86
N VAL B 67 -28.63 38.41 7.24
CA VAL B 67 -29.85 38.61 8.00
C VAL B 67 -30.31 37.29 8.61
N PRO B 68 -30.35 36.13 7.88
CA PRO B 68 -30.75 34.90 8.57
C PRO B 68 -29.59 34.29 9.35
N PHE B 69 -28.38 34.42 8.82
CA PHE B 69 -27.18 33.93 9.48
C PHE B 69 -26.39 35.09 10.10
N TYR B 70 -27.07 35.81 10.99
CA TYR B 70 -26.47 37.00 11.57
C TYR B 70 -25.33 36.74 12.55
N PRO B 71 -25.24 35.59 13.23
CA PRO B 71 -24.05 35.36 14.07
C PRO B 71 -22.75 35.32 13.29
N MET B 72 -22.80 35.18 11.96
CA MET B 72 -21.58 35.23 11.16
C MET B 72 -20.92 36.59 11.28
N ALA B 73 -21.70 37.66 11.31
CA ALA B 73 -21.20 39.01 11.48
C ALA B 73 -20.84 39.32 12.94
N GLY B 74 -20.89 38.33 13.82
CA GLY B 74 -20.59 38.55 15.22
C GLY B 74 -19.10 38.65 15.48
N ARG B 75 -18.77 38.74 16.76
CA ARG B 75 -17.38 38.83 17.21
C ARG B 75 -17.20 37.97 18.44
N LEU B 76 -16.01 37.38 18.57
CA LEU B 76 -15.72 36.54 19.72
C LEU B 76 -15.68 37.37 21.00
N LYS B 77 -16.01 36.73 22.12
CA LYS B 77 -16.09 37.41 23.39
C LYS B 77 -15.98 36.38 24.51
N LYS B 78 -15.41 36.82 25.64
CA LYS B 78 -15.37 36.03 26.86
C LYS B 78 -16.27 36.68 27.90
N ASP B 79 -16.92 35.85 28.72
CA ASP B 79 -17.89 36.36 29.68
C ASP B 79 -17.19 36.70 31.00
N GLU B 80 -17.98 36.91 32.05
CA GLU B 80 -17.45 37.26 33.36
C GLU B 80 -16.53 36.17 33.90
N ASN B 81 -16.81 34.90 33.55
CA ASN B 81 -15.99 33.79 34.00
C ASN B 81 -14.87 33.47 33.03
N GLY B 82 -15.05 33.73 31.75
CA GLY B 82 -14.04 33.47 30.75
C GLY B 82 -14.48 32.49 29.67
N ARG B 83 -15.79 32.38 29.49
CA ARG B 83 -16.37 31.45 28.53
C ARG B 83 -16.53 32.14 27.17
N PHE B 84 -16.08 31.46 26.12
CA PHE B 84 -16.19 32.02 24.78
C PHE B 84 -17.64 32.16 24.37
N GLU B 85 -17.96 33.25 23.68
CA GLU B 85 -19.32 33.51 23.24
C GLU B 85 -19.26 34.33 21.96
N ILE B 86 -20.37 34.35 21.23
CA ILE B 86 -20.48 35.07 19.98
C ILE B 86 -21.24 36.36 20.26
N ASN B 87 -20.51 37.47 20.31
CA ASN B 87 -21.12 38.79 20.47
C ASN B 87 -21.71 39.22 19.13
N CYS B 88 -23.03 39.16 19.01
CA CYS B 88 -23.72 39.48 17.76
C CYS B 88 -23.90 40.99 17.68
N ASN B 89 -22.87 41.66 17.15
CA ASN B 89 -22.89 43.11 16.97
C ASN B 89 -23.03 43.53 15.51
N GLY B 90 -23.18 42.58 14.59
CA GLY B 90 -23.34 42.91 13.19
C GLY B 90 -22.22 43.73 12.61
N GLU B 91 -20.99 43.55 13.11
CA GLU B 91 -19.88 44.37 12.63
C GLU B 91 -19.50 44.03 11.19
N GLY B 92 -19.77 42.81 10.76
CA GLY B 92 -19.66 42.46 9.35
C GLY B 92 -18.80 41.24 9.12
N VAL B 93 -18.86 40.76 7.88
CA VAL B 93 -18.06 39.65 7.40
C VAL B 93 -17.11 40.20 6.32
N LEU B 94 -15.82 39.95 6.50
CA LEU B 94 -14.83 40.51 5.58
C LEU B 94 -14.91 39.81 4.23
N LEU B 95 -15.05 40.60 3.16
CA LEU B 95 -15.05 40.09 1.79
C LEU B 95 -13.91 40.76 1.04
N VAL B 96 -13.07 39.94 0.41
CA VAL B 96 -11.89 40.41 -0.31
C VAL B 96 -12.07 40.06 -1.78
N GLU B 97 -12.19 41.08 -2.62
CA GLU B 97 -12.21 40.92 -4.07
C GLU B 97 -10.78 41.17 -4.55
N ALA B 98 -10.08 40.10 -4.88
CA ALA B 98 -8.70 40.16 -5.33
C ALA B 98 -8.58 39.54 -6.71
N ALA B 99 -7.67 40.08 -7.52
CA ALA B 99 -7.42 39.59 -8.86
C ALA B 99 -5.94 39.24 -8.98
N ALA B 100 -5.66 38.06 -9.53
CA ALA B 100 -4.30 37.55 -9.64
C ALA B 100 -3.89 37.53 -11.10
N ALA B 101 -2.88 38.31 -11.44
CA ALA B 101 -2.23 38.18 -12.75
C ALA B 101 -1.25 37.02 -12.78
N ASN B 102 -1.08 36.31 -11.66
CA ASN B 102 -0.23 35.14 -11.61
C ASN B 102 -0.90 33.98 -12.33
N ALA B 103 -1.45 34.24 -13.52
CA ALA B 103 -1.62 33.19 -14.52
C ALA B 103 -2.69 32.19 -14.08
N SER B 104 -2.45 30.86 -14.07
CA SER B 104 -3.63 30.00 -14.23
C SER B 104 -4.10 29.26 -12.97
N VAL B 105 -5.35 28.79 -13.03
CA VAL B 105 -5.92 27.95 -11.95
C VAL B 105 -5.38 26.52 -12.00
N ASP B 106 -5.51 25.82 -13.15
CA ASP B 106 -4.76 24.59 -13.35
C ASP B 106 -3.24 24.82 -13.31
N GLU B 107 -2.80 26.08 -13.34
CA GLU B 107 -1.43 26.40 -12.97
C GLU B 107 -1.30 26.63 -11.46
N TYR B 108 -2.10 27.53 -10.90
CA TYR B 108 -1.99 27.85 -9.47
C TYR B 108 -2.53 26.71 -8.60
N ALA B 109 -3.75 26.26 -8.89
CA ALA B 109 -4.35 25.17 -8.13
C ALA B 109 -3.85 23.81 -8.60
N ARG B 110 -3.46 23.70 -9.88
CA ARG B 110 -3.02 22.47 -10.53
C ARG B 110 -3.74 21.22 -10.02
N ASP B 111 -3.05 20.42 -9.21
CA ASP B 111 -3.63 19.18 -8.69
C ASP B 111 -4.96 19.41 -8.01
N PHE B 112 -5.16 20.60 -7.44
CA PHE B 112 -6.10 20.90 -6.38
C PHE B 112 -5.66 20.27 -5.07
N ALA B 113 -4.41 19.83 -4.99
CA ALA B 113 -3.85 19.36 -3.73
C ALA B 113 -3.56 20.56 -2.83
N PRO B 114 -3.80 20.42 -1.52
CA PRO B 114 -3.58 21.55 -0.60
C PRO B 114 -2.14 22.02 -0.62
N ASP B 115 -1.97 23.33 -0.72
CA ASP B 115 -0.64 23.93 -0.77
C ASP B 115 -0.72 25.31 -0.12
N VAL B 116 0.43 25.78 0.36
CA VAL B 116 0.51 27.02 1.11
C VAL B 116 0.31 28.24 0.21
N SER B 117 0.12 28.02 -1.10
CA SER B 117 -0.32 29.13 -1.95
C SER B 117 -1.81 29.38 -1.83
N PHE B 118 -2.59 28.32 -1.56
CA PHE B 118 -4.01 28.52 -1.27
C PHE B 118 -4.21 29.38 -0.03
N GLN B 119 -3.21 29.43 0.86
CA GLN B 119 -3.29 30.28 2.04
C GLN B 119 -3.38 31.75 1.67
N ARG B 120 -2.91 32.11 0.48
CA ARG B 120 -3.05 33.46 -0.04
C ARG B 120 -4.39 33.69 -0.75
N LEU B 121 -5.13 32.62 -1.03
CA LEU B 121 -6.49 32.74 -1.56
C LEU B 121 -7.50 33.10 -0.48
N ILE B 122 -7.03 33.39 0.72
CA ILE B 122 -7.86 33.67 1.89
C ILE B 122 -7.27 34.88 2.61
N PRO B 123 -8.08 35.81 3.11
CA PRO B 123 -7.53 37.00 3.78
C PRO B 123 -6.67 36.62 4.99
N SER B 124 -5.93 37.62 5.46
CA SER B 124 -4.91 37.40 6.49
C SER B 124 -5.53 36.86 7.77
N VAL B 125 -6.41 37.65 8.40
CA VAL B 125 -7.12 37.22 9.59
C VAL B 125 -6.11 36.88 10.68
N ASP B 126 -5.38 37.89 11.14
CA ASP B 126 -4.50 37.67 12.28
C ASP B 126 -5.33 37.53 13.55
N TYR B 127 -4.85 36.68 14.45
CA TYR B 127 -5.51 36.42 15.72
C TYR B 127 -4.65 37.07 16.80
N THR B 128 -3.91 36.29 17.59
CA THR B 128 -3.03 36.84 18.62
C THR B 128 -3.81 37.79 19.55
N GLN B 129 -4.84 37.21 20.18
CA GLN B 129 -5.62 37.86 21.22
C GLN B 129 -6.42 39.05 20.68
N ASP B 130 -6.95 39.86 21.60
CA ASP B 130 -8.03 40.82 21.35
C ASP B 130 -9.02 40.27 20.34
N ILE B 131 -9.86 39.36 20.81
CA ILE B 131 -10.76 38.61 19.94
C ILE B 131 -11.84 39.49 19.32
N GLY B 132 -12.14 40.63 19.93
CA GLY B 132 -13.14 41.53 19.37
C GLY B 132 -12.69 42.30 18.14
N SER B 133 -11.47 42.05 17.66
CA SER B 133 -10.92 42.81 16.55
C SER B 133 -10.91 42.04 15.24
N PHE B 134 -10.92 40.69 15.28
CA PHE B 134 -10.91 40.05 13.97
C PHE B 134 -12.30 39.53 13.63
N PRO B 135 -12.62 39.43 12.34
CA PRO B 135 -13.92 38.87 11.95
C PRO B 135 -13.98 37.38 12.21
N LEU B 136 -15.19 36.88 12.49
CA LEU B 136 -15.41 35.45 12.66
C LEU B 136 -15.49 34.70 11.34
N LEU B 137 -15.66 35.41 10.23
CA LEU B 137 -15.75 34.77 8.92
C LEU B 137 -15.19 35.73 7.88
N VAL B 138 -14.26 35.25 7.08
CA VAL B 138 -13.68 36.05 6.01
C VAL B 138 -13.79 35.28 4.70
N LEU B 139 -13.87 36.04 3.62
CA LEU B 139 -14.12 35.49 2.30
C LEU B 139 -13.24 36.19 1.28
N GLN B 140 -12.80 35.46 0.28
CA GLN B 140 -12.00 36.03 -0.79
C GLN B 140 -12.38 35.32 -2.09
N ILE B 141 -12.82 36.10 -3.07
CA ILE B 141 -13.10 35.61 -4.42
C ILE B 141 -12.01 36.16 -5.34
N THR B 142 -11.34 35.25 -6.05
CA THR B 142 -10.22 35.61 -6.91
C THR B 142 -10.59 35.37 -8.37
N ARG B 143 -9.97 36.15 -9.25
CA ARG B 143 -10.19 36.03 -10.70
C ARG B 143 -8.84 36.09 -11.41
N PHE B 144 -8.69 35.24 -12.43
CA PHE B 144 -7.46 35.13 -13.20
C PHE B 144 -7.78 34.39 -14.51
N LYS B 145 -6.82 34.38 -15.41
CA LYS B 145 -6.96 33.71 -16.70
C LYS B 145 -8.22 34.13 -17.45
N CYS B 146 -8.79 33.19 -18.20
CA CYS B 146 -10.01 33.44 -18.96
C CYS B 146 -11.09 33.98 -18.03
N GLY B 147 -11.47 33.18 -17.04
CA GLY B 147 -12.46 33.60 -16.08
C GLY B 147 -12.49 32.72 -14.85
N GLY B 148 -11.44 31.92 -14.66
CA GLY B 148 -11.34 31.04 -13.52
C GLY B 148 -11.44 31.79 -12.20
N ALA B 149 -12.29 31.31 -11.32
CA ALA B 149 -12.53 31.97 -10.04
C ALA B 149 -12.18 31.03 -8.89
N SER B 150 -11.91 31.63 -7.74
CA SER B 150 -11.54 30.86 -6.55
C SER B 150 -12.13 31.55 -5.33
N LEU B 151 -13.00 30.84 -4.61
CA LEU B 151 -13.59 31.32 -3.36
C LEU B 151 -12.85 30.68 -2.20
N GLY B 152 -12.13 31.49 -1.44
CA GLY B 152 -11.49 31.04 -0.21
C GLY B 152 -12.33 31.41 0.99
N VAL B 153 -12.47 30.47 1.91
CA VAL B 153 -13.33 30.62 3.08
C VAL B 153 -12.50 30.43 4.34
N GLY B 154 -12.57 31.41 5.24
CA GLY B 154 -11.95 31.30 6.55
C GLY B 154 -12.92 31.73 7.63
N MET B 155 -13.17 30.86 8.62
CA MET B 155 -14.21 31.12 9.59
C MET B 155 -13.90 30.41 10.90
N GLU B 156 -13.90 31.17 11.99
CA GLU B 156 -13.70 30.58 13.31
C GLU B 156 -14.90 29.72 13.69
N HIS B 157 -14.63 28.50 14.16
CA HIS B 157 -15.68 27.54 14.45
C HIS B 157 -16.28 27.70 15.84
N HIS B 158 -15.90 28.78 16.54
CA HIS B 158 -16.41 29.04 17.88
C HIS B 158 -17.81 29.61 17.68
N VAL B 159 -18.13 29.87 16.42
CA VAL B 159 -19.45 30.35 16.03
C VAL B 159 -20.33 29.23 15.44
N ALA B 160 -19.81 28.49 14.47
CA ALA B 160 -20.57 27.39 13.85
C ALA B 160 -19.72 26.28 13.23
N ASP B 161 -20.31 25.09 13.13
CA ASP B 161 -19.67 23.92 12.53
C ASP B 161 -19.74 23.96 11.00
N GLY B 162 -18.85 23.23 10.33
CA GLY B 162 -18.86 23.21 8.90
C GLY B 162 -20.19 22.99 8.27
N MET B 163 -20.97 22.05 8.74
CA MET B 163 -22.28 21.89 8.11
C MET B 163 -23.07 23.20 8.12
N SER B 164 -22.99 23.95 9.22
CA SER B 164 -23.66 25.25 9.27
C SER B 164 -22.96 26.27 8.38
N GLY B 165 -21.62 26.30 8.42
CA GLY B 165 -20.90 27.22 7.55
C GLY B 165 -21.09 26.93 6.08
N ILE B 166 -21.24 25.65 5.73
CA ILE B 166 -21.51 25.28 4.34
C ILE B 166 -22.88 25.82 3.91
N THR B 167 -23.89 25.67 4.78
CA THR B 167 -25.23 26.15 4.45
C THR B 167 -25.30 27.66 4.34
N PHE B 168 -24.37 28.39 4.95
CA PHE B 168 -24.32 29.84 4.75
C PHE B 168 -23.78 30.17 3.37
N ILE B 169 -22.65 29.56 3.00
CA ILE B 169 -22.05 29.81 1.69
C ILE B 169 -23.03 29.47 0.57
N ASN B 170 -23.80 28.39 0.75
CA ASN B 170 -24.79 28.02 -0.24
C ASN B 170 -25.91 29.04 -0.32
N THR B 171 -26.30 29.62 0.82
CA THR B 171 -27.33 30.65 0.81
C THR B 171 -26.82 31.94 0.17
N TRP B 172 -25.56 32.29 0.44
CA TRP B 172 -24.96 33.46 -0.22
C TRP B 172 -24.91 33.27 -1.73
N ALA B 173 -24.60 32.04 -2.18
CA ALA B 173 -24.53 31.79 -3.61
C ALA B 173 -25.91 31.71 -4.25
N ALA B 174 -26.92 31.26 -3.49
CA ALA B 174 -28.27 31.16 -4.04
C ALA B 174 -28.84 32.54 -4.32
N MET B 175 -28.62 33.49 -3.43
CA MET B 175 -29.21 34.82 -3.60
C MET B 175 -28.43 35.67 -4.58
N ALA B 176 -27.11 35.43 -4.71
CA ALA B 176 -26.38 36.04 -5.82
C ALA B 176 -26.86 35.48 -7.15
N ARG B 177 -27.30 34.22 -7.16
CA ARG B 177 -27.95 33.63 -8.33
C ARG B 177 -29.31 34.24 -8.61
N GLY B 178 -29.82 35.07 -7.71
CA GLY B 178 -31.14 35.66 -7.86
C GLY B 178 -32.27 34.88 -7.25
N GLU B 179 -32.00 33.71 -6.67
CA GLU B 179 -33.01 32.83 -6.13
C GLU B 179 -32.93 32.81 -4.62
N ASP B 180 -33.99 33.24 -3.95
CA ASP B 180 -33.79 33.19 -2.51
C ASP B 180 -34.33 31.88 -1.93
N PRO B 181 -33.64 31.28 -0.96
CA PRO B 181 -34.22 30.14 -0.23
C PRO B 181 -35.04 30.60 0.97
N LYS B 182 -34.66 31.76 1.53
CA LYS B 182 -35.36 32.35 2.68
C LYS B 182 -35.45 31.39 3.87
N ILE B 183 -34.41 30.58 4.06
CA ILE B 183 -34.41 29.63 5.16
C ILE B 183 -34.14 30.36 6.46
N VAL B 184 -34.71 29.85 7.55
CA VAL B 184 -34.63 30.48 8.86
C VAL B 184 -33.87 29.53 9.79
N PRO B 185 -32.61 29.83 10.11
CA PRO B 185 -31.84 28.92 10.96
C PRO B 185 -32.27 28.98 12.41
N TYR B 186 -31.97 27.91 13.13
CA TYR B 186 -32.21 27.82 14.56
C TYR B 186 -30.94 28.25 15.29
N ILE B 187 -31.02 29.35 16.03
CA ILE B 187 -29.86 29.95 16.67
C ILE B 187 -30.13 30.00 18.17
N ASP B 188 -29.65 29.00 18.85
CA ASP B 188 -29.75 28.87 20.28
C ASP B 188 -28.97 27.64 20.59
N ARG B 189 -28.00 27.73 21.50
CA ARG B 189 -27.15 26.59 21.81
C ARG B 189 -27.16 26.19 23.28
N THR B 190 -28.35 26.16 23.87
CA THR B 190 -28.51 25.77 25.23
C THR B 190 -29.10 24.44 25.23
N LEU B 191 -29.47 23.96 24.08
CA LEU B 191 -30.03 22.68 24.06
C LEU B 191 -28.98 21.75 24.52
N LEU B 192 -27.76 22.00 24.11
CA LEU B 192 -26.61 21.18 24.46
C LEU B 192 -25.96 21.63 25.77
N ARG B 193 -26.74 22.17 26.69
CA ARG B 193 -26.24 22.51 28.01
C ARG B 193 -26.07 21.25 28.84
N ALA B 194 -24.96 21.19 29.58
CA ALA B 194 -24.72 20.04 30.44
C ALA B 194 -25.63 20.09 31.65
N ASN B 195 -26.00 18.90 32.14
CA ASN B 195 -26.89 18.79 33.28
C ASN B 195 -26.27 19.44 34.51
N LYS B 196 -27.12 19.77 35.48
CA LYS B 196 -26.69 20.34 36.75
C LYS B 196 -27.32 19.53 37.88
N PRO B 197 -26.53 18.79 38.67
CA PRO B 197 -25.07 18.72 38.57
C PRO B 197 -24.58 17.80 37.45
N PRO B 198 -23.41 18.10 36.88
CA PRO B 198 -22.85 17.23 35.82
C PRO B 198 -22.41 15.90 36.40
N ILE B 199 -23.06 14.82 35.96
CA ILE B 199 -22.70 13.47 36.38
C ILE B 199 -22.38 12.64 35.15
N PRO B 200 -21.12 12.54 34.74
CA PRO B 200 -20.78 11.70 33.58
C PRO B 200 -20.95 10.23 33.91
N LYS B 201 -21.54 9.50 32.95
CA LYS B 201 -21.78 8.08 33.10
C LYS B 201 -20.72 7.22 32.42
N PHE B 202 -19.74 7.84 31.76
CA PHE B 202 -18.72 7.12 31.02
C PHE B 202 -17.36 7.73 31.30
N PRO B 203 -16.28 6.95 31.17
CA PRO B 203 -14.94 7.54 31.31
C PRO B 203 -14.55 8.43 30.14
N HIS B 204 -15.13 8.22 28.96
CA HIS B 204 -14.87 9.01 27.75
C HIS B 204 -13.38 9.02 27.41
N VAL B 205 -12.93 7.89 26.88
CA VAL B 205 -11.53 7.72 26.51
C VAL B 205 -11.14 8.56 25.30
N GLU B 206 -12.11 9.13 24.59
CA GLU B 206 -11.79 10.02 23.48
C GLU B 206 -11.17 11.34 23.94
N TYR B 207 -11.27 11.66 25.23
CA TYR B 207 -10.66 12.87 25.78
C TYR B 207 -9.50 12.53 26.71
N HIS B 208 -8.82 11.43 26.44
CA HIS B 208 -7.62 11.01 27.15
C HIS B 208 -6.40 11.26 26.28
N PRO B 209 -5.20 11.30 26.86
CA PRO B 209 -3.99 11.41 26.05
C PRO B 209 -3.89 10.26 25.07
N PRO B 210 -3.47 10.52 23.84
CA PRO B 210 -3.39 9.46 22.82
C PRO B 210 -2.20 8.56 23.07
N PRO B 211 -2.17 7.37 22.45
CA PRO B 211 -1.02 6.48 22.63
C PRO B 211 0.28 7.11 22.15
N LEU B 212 1.38 6.52 22.62
CA LEU B 212 2.73 6.98 22.29
C LEU B 212 3.41 5.99 21.35
N LEU B 213 4.53 6.43 20.79
CA LEU B 213 5.33 5.61 19.90
C LEU B 213 6.42 4.88 20.67
N LYS B 214 6.97 3.83 20.06
CA LYS B 214 8.03 3.03 20.68
C LYS B 214 9.39 3.63 20.32
N HIS B 215 9.66 4.79 20.90
CA HIS B 215 10.91 5.51 20.67
C HIS B 215 12.12 4.67 21.06
N ARG B 238 9.30 20.51 5.69
CA ARG B 238 8.02 20.20 6.33
C ARG B 238 7.57 18.79 6.00
N ILE B 239 6.26 18.63 5.75
CA ILE B 239 5.68 17.34 5.43
C ILE B 239 5.25 17.33 3.98
N ALA B 240 4.74 16.19 3.51
CA ALA B 240 4.27 16.03 2.15
C ALA B 240 2.75 15.92 2.13
N VAL B 241 2.13 16.50 1.11
CA VAL B 241 0.69 16.46 0.92
C VAL B 241 0.37 15.64 -0.32
N GLY B 242 -0.65 14.80 -0.21
CA GLY B 242 -1.06 13.97 -1.32
C GLY B 242 -2.54 14.09 -1.60
N LEU B 243 -2.91 13.91 -2.85
CA LEU B 243 -4.31 13.92 -3.28
C LEU B 243 -4.60 12.62 -4.01
N PHE B 244 -5.50 11.82 -3.46
CA PHE B 244 -5.87 10.53 -4.02
C PHE B 244 -7.35 10.49 -4.32
N LYS B 245 -7.75 9.47 -5.09
CA LYS B 245 -9.13 9.31 -5.52
C LYS B 245 -9.49 7.83 -5.48
N PHE B 246 -10.70 7.54 -4.97
CA PHE B 246 -11.24 6.19 -4.95
C PHE B 246 -12.34 6.09 -6.00
N THR B 247 -12.07 5.37 -7.08
CA THR B 247 -13.03 5.26 -8.17
C THR B 247 -14.23 4.41 -7.74
N LYS B 248 -15.33 4.57 -8.48
CA LYS B 248 -16.53 3.78 -8.28
C LYS B 248 -16.24 2.29 -8.14
N GLU B 249 -15.27 1.78 -8.91
CA GLU B 249 -14.95 0.36 -8.88
C GLU B 249 -14.13 0.00 -7.65
N GLN B 250 -13.32 0.93 -7.14
CA GLN B 250 -12.56 0.67 -5.93
C GLN B 250 -13.46 0.70 -4.69
N LEU B 251 -14.47 1.57 -4.70
CA LEU B 251 -15.46 1.57 -3.64
C LEU B 251 -16.48 0.44 -3.80
N GLN B 252 -16.44 -0.29 -4.91
CA GLN B 252 -17.26 -1.48 -5.07
C GLN B 252 -16.57 -2.71 -4.51
N ALA B 253 -15.24 -2.82 -4.67
CA ALA B 253 -14.49 -3.91 -4.08
C ALA B 253 -14.46 -3.83 -2.56
N LEU B 254 -14.74 -2.65 -1.99
CA LEU B 254 -14.75 -2.51 -0.54
C LEU B 254 -16.06 -3.05 0.05
N LYS B 255 -17.20 -2.61 -0.48
CA LYS B 255 -18.47 -3.20 -0.07
C LYS B 255 -18.59 -4.65 -0.50
N SER B 256 -17.72 -5.12 -1.40
CA SER B 256 -17.65 -6.53 -1.75
C SER B 256 -16.95 -7.35 -0.67
N GLN B 257 -16.22 -6.70 0.23
CA GLN B 257 -15.68 -7.33 1.42
C GLN B 257 -16.34 -6.81 2.69
N ALA B 258 -17.55 -6.25 2.56
CA ALA B 258 -18.19 -5.61 3.70
C ALA B 258 -18.62 -6.62 4.75
N THR B 259 -19.07 -7.80 4.31
CA THR B 259 -19.62 -8.79 5.22
C THR B 259 -18.51 -9.39 6.08
N ASP B 260 -18.93 -9.94 7.23
CA ASP B 260 -18.02 -10.54 8.19
C ASP B 260 -18.17 -12.06 8.18
N ASN B 264 -23.53 -12.50 8.24
CA ASN B 264 -23.39 -12.07 9.63
C ASN B 264 -23.73 -10.58 9.76
N THR B 265 -22.70 -9.74 9.81
CA THR B 265 -22.85 -8.29 9.87
C THR B 265 -22.10 -7.68 8.69
N THR B 266 -22.85 -7.06 7.77
CA THR B 266 -22.28 -6.44 6.59
C THR B 266 -22.09 -4.95 6.86
N TYR B 267 -20.84 -4.50 6.83
CA TYR B 267 -20.54 -3.12 7.18
C TYR B 267 -20.78 -2.19 5.99
N SER B 268 -20.66 -0.89 6.25
CA SER B 268 -20.96 0.12 5.24
C SER B 268 -19.78 0.30 4.29
N SER B 269 -19.92 1.27 3.39
CA SER B 269 -18.83 1.59 2.48
C SER B 269 -17.83 2.54 3.11
N TYR B 270 -18.31 3.55 3.84
CA TYR B 270 -17.41 4.49 4.50
C TYR B 270 -16.66 3.84 5.65
N GLU B 271 -17.28 2.88 6.35
CA GLU B 271 -16.63 2.24 7.48
C GLU B 271 -15.43 1.41 7.05
N MET B 272 -15.41 0.94 5.81
CA MET B 272 -14.29 0.17 5.31
C MET B 272 -13.31 1.00 4.49
N LEU B 273 -13.77 2.12 3.92
CA LEU B 273 -12.84 3.12 3.42
C LEU B 273 -12.05 3.72 4.57
N SER B 274 -12.75 4.26 5.58
CA SER B 274 -12.07 4.80 6.75
C SER B 274 -11.30 3.72 7.49
N GLY B 275 -11.71 2.46 7.37
CA GLY B 275 -10.90 1.37 7.89
C GLY B 275 -9.73 1.02 7.01
N HIS B 276 -9.85 1.28 5.70
CA HIS B 276 -8.75 1.05 4.77
C HIS B 276 -7.66 2.10 4.90
N ILE B 277 -8.04 3.34 5.23
CA ILE B 277 -7.03 4.40 5.38
C ILE B 277 -6.26 4.23 6.68
N TRP B 278 -6.94 3.81 7.76
CA TRP B 278 -6.29 3.67 9.05
C TRP B 278 -5.13 2.68 8.98
N ARG B 279 -5.43 1.42 8.66
CA ARG B 279 -4.38 0.41 8.61
C ARG B 279 -3.35 0.72 7.54
N SER B 280 -3.77 1.34 6.43
CA SER B 280 -2.80 1.78 5.43
C SER B 280 -1.77 2.72 6.05
N MET B 281 -2.23 3.66 6.87
CA MET B 281 -1.31 4.54 7.58
C MET B 281 -0.46 3.77 8.59
N CYS B 282 -1.03 2.73 9.19
CA CYS B 282 -0.27 1.92 10.13
C CYS B 282 0.86 1.16 9.44
N LEU B 283 0.65 0.75 8.19
CA LEU B 283 1.72 0.10 7.44
C LEU B 283 2.63 1.11 6.76
N ALA B 284 2.11 2.30 6.47
CA ALA B 284 2.93 3.34 5.82
C ALA B 284 3.95 3.93 6.78
N ARG B 285 3.70 3.87 8.08
CA ARG B 285 4.62 4.40 9.08
C ARG B 285 5.52 3.33 9.68
N GLY B 286 5.33 2.06 9.30
CA GLY B 286 6.15 0.99 9.83
C GLY B 286 5.98 0.76 11.32
N LEU B 287 4.77 0.93 11.83
CA LEU B 287 4.52 0.78 13.25
C LEU B 287 4.61 -0.68 13.66
N ASP B 288 5.16 -0.92 14.85
CA ASP B 288 5.25 -2.28 15.38
C ASP B 288 3.85 -2.88 15.52
N ASP B 289 3.77 -4.20 15.39
CA ASP B 289 2.47 -4.87 15.41
C ASP B 289 1.78 -4.76 16.75
N ASP B 290 2.52 -4.54 17.83
CA ASP B 290 1.92 -4.34 19.15
C ASP B 290 1.73 -2.87 19.48
N GLN B 291 1.93 -1.98 18.51
CA GLN B 291 1.75 -0.55 18.76
C GLN B 291 0.27 -0.22 18.87
N GLU B 292 -0.14 0.29 20.03
CA GLU B 292 -1.49 0.82 20.17
C GLU B 292 -1.61 2.10 19.34
N THR B 293 -2.74 2.25 18.67
CA THR B 293 -2.96 3.41 17.81
C THR B 293 -4.43 3.82 17.88
N LYS B 294 -4.69 5.10 17.68
CA LYS B 294 -5.98 5.71 17.98
C LYS B 294 -6.47 6.51 16.78
N LEU B 295 -7.68 6.21 16.32
CA LEU B 295 -8.30 6.90 15.19
C LEU B 295 -9.31 7.91 15.71
N TYR B 296 -9.16 9.16 15.30
CA TYR B 296 -10.01 10.26 15.78
C TYR B 296 -11.07 10.56 14.72
N ILE B 297 -12.29 10.06 14.96
CA ILE B 297 -13.42 10.30 14.08
C ILE B 297 -14.23 11.48 14.60
N ALA B 298 -14.88 12.19 13.69
CA ALA B 298 -15.77 13.29 14.00
C ALA B 298 -17.20 12.83 13.76
N THR B 299 -17.99 12.71 14.83
CA THR B 299 -19.34 12.17 14.76
C THR B 299 -20.35 13.30 14.89
N ASP B 300 -21.31 13.34 13.96
CA ASP B 300 -22.37 14.34 13.99
C ASP B 300 -23.48 13.88 14.93
N GLY B 301 -23.73 14.65 15.98
CA GLY B 301 -24.74 14.31 16.98
C GLY B 301 -26.13 14.87 16.86
N ARG B 302 -26.41 15.60 15.78
CA ARG B 302 -27.73 16.21 15.60
C ARG B 302 -28.89 15.21 15.52
N ALA B 303 -28.70 14.11 14.81
CA ALA B 303 -29.74 13.09 14.64
C ALA B 303 -29.68 11.99 15.69
N ARG B 304 -28.71 12.06 16.59
CA ARG B 304 -28.52 11.05 17.62
C ARG B 304 -28.90 11.51 19.02
N VAL B 305 -29.04 12.82 19.25
CA VAL B 305 -29.58 13.30 20.51
C VAL B 305 -31.08 13.01 20.57
N VAL B 306 -31.60 12.84 21.77
CA VAL B 306 -33.01 12.58 22.01
C VAL B 306 -33.53 13.65 22.95
N PRO B 307 -34.44 14.53 22.49
CA PRO B 307 -34.97 14.58 21.13
C PRO B 307 -33.99 15.21 20.14
N PRO B 308 -34.14 14.92 18.85
CA PRO B 308 -33.17 15.42 17.87
C PRO B 308 -33.14 16.94 17.80
N LEU B 309 -32.05 17.47 17.27
CA LEU B 309 -31.88 18.90 17.13
C LEU B 309 -32.76 19.43 15.98
N PRO B 310 -33.11 20.71 16.02
CA PRO B 310 -33.92 21.28 14.94
C PRO B 310 -33.15 21.32 13.62
N LYS B 311 -33.92 21.36 12.53
CA LYS B 311 -33.31 21.52 11.22
C LYS B 311 -32.71 22.92 11.10
N HIS B 312 -31.54 22.98 10.44
CA HIS B 312 -30.77 24.22 10.31
C HIS B 312 -30.31 24.75 11.66
N TYR B 313 -30.00 23.85 12.59
CA TYR B 313 -29.41 24.25 13.87
C TYR B 313 -28.04 24.87 13.62
N PHE B 314 -27.86 26.09 14.10
CA PHE B 314 -26.66 26.87 13.84
C PHE B 314 -25.72 26.77 15.04
N GLY B 315 -24.59 26.13 14.84
CA GLY B 315 -23.61 25.95 15.90
C GLY B 315 -22.84 24.66 15.67
N ASN B 316 -22.03 24.30 16.66
CA ASN B 316 -21.29 23.06 16.62
C ASN B 316 -22.13 21.92 17.20
N VAL B 317 -21.68 20.70 16.95
CA VAL B 317 -22.50 19.51 17.22
C VAL B 317 -21.62 18.27 17.19
N ILE B 318 -20.42 18.39 16.63
CA ILE B 318 -19.57 17.25 16.37
C ILE B 318 -18.94 16.76 17.68
N PHE B 319 -19.30 15.54 18.10
CA PHE B 319 -18.69 14.89 19.24
C PHE B 319 -17.56 13.97 18.77
N THR B 320 -16.45 13.98 19.51
CA THR B 320 -15.28 13.21 19.12
C THR B 320 -15.50 11.73 19.42
N CYS B 321 -15.25 10.89 18.42
CA CYS B 321 -15.34 9.44 18.54
C CYS B 321 -13.98 8.84 18.21
N THR B 322 -13.50 7.92 19.05
CA THR B 322 -12.16 7.36 18.91
C THR B 322 -12.17 5.84 19.06
N PRO B 323 -12.21 5.10 17.96
CA PRO B 323 -11.91 3.67 18.03
C PRO B 323 -10.42 3.46 18.30
N MET B 324 -10.11 2.35 18.98
CA MET B 324 -8.73 2.04 19.34
C MET B 324 -8.46 0.57 19.08
N ALA B 325 -7.27 0.28 18.56
CA ALA B 325 -6.88 -1.10 18.30
C ALA B 325 -5.36 -1.16 18.19
N LEU B 326 -4.85 -2.38 18.10
CA LEU B 326 -3.43 -2.62 17.89
C LEU B 326 -3.13 -2.65 16.39
N ALA B 327 -1.97 -2.10 16.01
CA ALA B 327 -1.62 -2.00 14.60
C ALA B 327 -1.56 -3.37 13.95
N GLY B 328 -0.99 -4.36 14.65
CA GLY B 328 -0.86 -5.69 14.12
C GLY B 328 -2.15 -6.46 13.98
N ASP B 329 -3.27 -5.90 14.45
CA ASP B 329 -4.57 -6.50 14.20
C ASP B 329 -5.32 -5.87 13.04
N LEU B 330 -5.14 -4.57 12.81
CA LEU B 330 -5.73 -3.93 11.64
C LEU B 330 -5.10 -4.41 10.35
N VAL B 331 -3.86 -4.92 10.38
CA VAL B 331 -3.14 -5.27 9.16
C VAL B 331 -3.10 -6.77 8.96
N SER B 332 -3.20 -7.55 10.04
CA SER B 332 -3.13 -9.00 9.92
C SER B 332 -4.50 -9.63 9.68
N ARG B 333 -5.55 -9.03 10.19
CA ARG B 333 -6.90 -9.53 10.02
C ARG B 333 -7.55 -8.88 8.80
N PRO B 334 -8.65 -9.44 8.30
CA PRO B 334 -9.30 -8.87 7.12
C PRO B 334 -9.72 -7.42 7.33
N LEU B 335 -10.09 -6.78 6.21
CA LEU B 335 -10.47 -5.38 6.22
C LEU B 335 -11.74 -5.12 7.02
N TYR B 336 -12.57 -6.13 7.24
CA TYR B 336 -13.78 -5.94 8.03
C TYR B 336 -13.51 -5.89 9.53
N TYR B 337 -12.25 -6.03 9.95
CA TYR B 337 -11.92 -5.88 11.36
C TYR B 337 -11.84 -4.40 11.73
N ALA B 338 -11.15 -3.61 10.91
CA ALA B 338 -11.10 -2.17 11.16
C ALA B 338 -12.48 -1.55 11.11
N ALA B 339 -13.32 -2.02 10.17
CA ALA B 339 -14.71 -1.58 10.15
C ALA B 339 -15.44 -2.04 11.42
N SER B 340 -15.14 -3.24 11.90
CA SER B 340 -15.72 -3.72 13.14
C SER B 340 -15.37 -2.81 14.31
N VAL B 341 -14.12 -2.33 14.35
CA VAL B 341 -13.70 -1.43 15.41
C VAL B 341 -14.36 -0.06 15.24
N ILE B 342 -14.42 0.44 14.00
CA ILE B 342 -15.02 1.75 13.75
C ILE B 342 -16.52 1.71 13.97
N HIS B 343 -17.18 0.65 13.50
CA HIS B 343 -18.63 0.56 13.63
C HIS B 343 -19.04 0.49 15.10
N ASP B 344 -18.26 -0.21 15.92
CA ASP B 344 -18.61 -0.35 17.34
C ASP B 344 -18.37 0.96 18.09
N ALA B 345 -17.33 1.71 17.72
CA ALA B 345 -17.04 2.95 18.42
C ALA B 345 -18.09 4.01 18.12
N VAL B 346 -18.52 4.11 16.86
CA VAL B 346 -19.56 5.08 16.50
C VAL B 346 -20.90 4.65 17.07
N SER B 347 -21.16 3.35 17.16
CA SER B 347 -22.44 2.87 17.66
C SER B 347 -22.62 3.17 19.15
N ARG B 348 -21.52 3.20 19.91
CA ARG B 348 -21.61 3.42 21.34
C ARG B 348 -22.11 4.82 21.69
N MET B 349 -22.11 5.74 20.73
CA MET B 349 -22.40 7.14 20.99
C MET B 349 -23.85 7.44 20.64
N ASN B 350 -24.74 7.05 21.55
CA ASN B 350 -26.16 7.39 21.45
C ASN B 350 -26.44 8.60 22.33
N ASP B 351 -27.73 8.85 22.59
CA ASP B 351 -28.11 9.96 23.46
C ASP B 351 -27.49 9.83 24.84
N GLU B 352 -27.36 8.59 25.34
CA GLU B 352 -26.78 8.37 26.66
C GLU B 352 -25.31 8.76 26.70
N TYR B 353 -24.58 8.57 25.60
CA TYR B 353 -23.16 8.86 25.55
C TYR B 353 -22.88 10.32 25.19
N LEU B 354 -23.60 10.87 24.22
CA LEU B 354 -23.37 12.26 23.82
C LEU B 354 -23.66 13.22 24.96
N ARG B 355 -24.75 12.99 25.70
CA ARG B 355 -25.08 13.84 26.83
C ARG B 355 -24.19 13.58 28.03
N SER B 356 -23.58 12.40 28.12
CA SER B 356 -22.62 12.15 29.19
C SER B 356 -21.30 12.85 28.91
N ALA B 357 -20.95 13.03 27.64
CA ALA B 357 -19.73 13.76 27.30
C ALA B 357 -19.87 15.25 27.62
N LEU B 358 -21.06 15.81 27.38
CA LEU B 358 -21.28 17.22 27.71
C LEU B 358 -21.09 17.47 29.20
N ASP B 359 -21.57 16.54 30.03
CA ASP B 359 -21.31 16.63 31.47
C ASP B 359 -19.85 16.39 31.79
N TYR B 360 -19.19 15.51 31.03
CA TYR B 360 -17.77 15.24 31.24
C TYR B 360 -16.92 16.48 30.94
N LEU B 361 -17.20 17.16 29.82
CA LEU B 361 -16.42 18.33 29.44
C LEU B 361 -16.66 19.52 30.36
N GLU B 362 -17.80 19.55 31.07
CA GLU B 362 -18.04 20.64 32.02
C GLU B 362 -16.99 20.65 33.13
N LEU B 363 -16.44 19.48 33.48
CA LEU B 363 -15.41 19.38 34.50
C LEU B 363 -14.01 19.37 33.91
N GLN B 364 -13.85 19.69 32.63
CA GLN B 364 -12.55 19.62 31.97
C GLN B 364 -11.90 20.99 31.92
N PRO B 365 -10.67 21.14 32.39
CA PRO B 365 -9.99 22.43 32.33
C PRO B 365 -9.30 22.63 30.99
N ASP B 366 -9.08 23.90 30.67
CA ASP B 366 -8.43 24.32 29.42
C ASP B 366 -9.12 23.67 28.21
N LEU B 367 -10.38 24.04 28.04
CA LEU B 367 -11.28 23.59 26.98
C LEU B 367 -10.62 23.45 25.62
N TYR B 368 -9.65 24.32 25.34
CA TYR B 368 -9.19 24.59 23.99
C TYR B 368 -8.09 23.66 23.49
N LYS B 369 -7.58 22.76 24.33
CA LYS B 369 -6.64 21.74 23.86
C LYS B 369 -7.14 20.31 24.00
N LEU B 370 -8.31 20.10 24.63
CA LEU B 370 -9.02 18.85 24.43
C LEU B 370 -9.37 18.67 22.96
N VAL B 371 -9.38 19.76 22.21
CA VAL B 371 -9.56 19.73 20.75
C VAL B 371 -8.42 18.97 20.10
N ARG B 372 -7.24 18.95 20.74
CA ARG B 372 -6.09 18.23 20.26
C ARG B 372 -5.55 18.81 18.95
N GLY B 373 -4.66 18.07 18.27
CA GLY B 373 -3.99 18.55 17.08
C GLY B 373 -2.48 18.50 17.21
N ALA B 374 -1.76 18.50 16.08
CA ALA B 374 -0.30 18.46 16.07
C ALA B 374 0.24 17.28 16.86
N HIS B 375 0.34 17.46 18.18
CA HIS B 375 0.66 16.36 19.09
C HIS B 375 -0.18 15.14 18.77
N THR B 376 -1.43 15.36 18.37
CA THR B 376 -2.42 14.29 18.28
C THR B 376 -2.19 13.41 17.08
N PHE B 377 -2.18 14.02 15.89
CA PHE B 377 -2.32 13.27 14.66
C PHE B 377 -1.01 12.61 14.21
N ARG B 378 0.14 13.04 14.74
CA ARG B 378 1.38 12.37 14.37
C ARG B 378 1.39 10.95 14.93
N SER B 379 2.34 10.16 14.43
CA SER B 379 2.37 8.72 14.70
C SER B 379 2.28 8.46 16.20
N PRO B 380 1.57 7.40 16.63
CA PRO B 380 0.91 6.41 15.79
C PRO B 380 -0.57 6.68 15.49
N ASN B 381 -1.06 7.87 15.82
CA ASN B 381 -2.48 8.17 15.72
C ASN B 381 -2.77 8.92 14.42
N LEU B 382 -4.02 9.37 14.27
CA LEU B 382 -4.52 10.00 13.05
C LEU B 382 -5.94 10.47 13.31
N GLY B 383 -6.48 11.21 12.36
CA GLY B 383 -7.86 11.66 12.42
C GLY B 383 -8.45 11.73 11.03
N ILE B 384 -9.76 11.50 10.95
CA ILE B 384 -10.50 11.51 9.69
C ILE B 384 -11.73 12.37 9.87
N THR B 385 -11.80 13.48 9.14
CA THR B 385 -13.01 14.29 9.05
C THR B 385 -13.56 14.18 7.63
N SER B 386 -14.87 14.01 7.53
CA SER B 386 -15.53 13.69 6.26
C SER B 386 -16.47 14.82 5.87
N TRP B 387 -16.26 15.37 4.67
CA TRP B 387 -17.20 16.28 4.03
C TRP B 387 -17.99 15.58 2.93
N SER B 388 -18.00 14.25 2.93
CA SER B 388 -18.62 13.50 1.84
C SER B 388 -20.12 13.72 1.79
N ARG B 389 -20.76 13.95 2.94
CA ARG B 389 -22.20 14.13 3.00
C ARG B 389 -22.60 15.59 3.13
N LEU B 390 -21.67 16.52 2.92
CA LEU B 390 -21.98 17.94 3.00
C LEU B 390 -22.49 18.43 1.66
N PRO B 391 -23.71 18.99 1.57
CA PRO B 391 -24.18 19.54 0.30
C PRO B 391 -23.32 20.72 -0.13
N VAL B 392 -22.23 20.43 -0.83
CA VAL B 392 -21.13 21.37 -0.96
C VAL B 392 -20.92 21.88 -2.38
N TYR B 393 -21.38 21.17 -3.42
CA TYR B 393 -21.27 21.64 -4.79
C TYR B 393 -22.51 22.43 -5.24
N ASP B 394 -23.20 23.07 -4.30
CA ASP B 394 -24.33 23.93 -4.59
C ASP B 394 -24.00 25.41 -4.48
N ALA B 395 -22.75 25.75 -4.23
CA ALA B 395 -22.33 27.15 -4.09
C ALA B 395 -22.07 27.76 -5.47
N ASP B 396 -23.13 27.83 -6.26
CA ASP B 396 -23.09 28.40 -7.60
C ASP B 396 -23.50 29.88 -7.52
N PHE B 397 -22.53 30.77 -7.64
CA PHE B 397 -22.78 32.21 -7.66
C PHE B 397 -23.24 32.71 -9.02
N GLY B 398 -23.73 31.82 -9.89
CA GLY B 398 -24.11 32.17 -11.23
C GLY B 398 -23.02 31.94 -12.27
N TRP B 399 -21.75 31.97 -11.86
CA TRP B 399 -20.63 31.75 -12.75
C TRP B 399 -20.25 30.27 -12.85
N GLY B 400 -21.15 29.37 -12.47
CA GLY B 400 -20.90 27.95 -12.55
C GLY B 400 -20.72 27.31 -11.18
N ARG B 401 -21.00 26.01 -11.13
CA ARG B 401 -20.79 25.24 -9.91
C ARG B 401 -19.30 24.91 -9.75
N PRO B 402 -18.85 24.69 -8.51
CA PRO B 402 -17.42 24.45 -8.29
C PRO B 402 -16.95 23.17 -8.95
N VAL B 403 -15.76 23.25 -9.55
CA VAL B 403 -15.12 22.05 -10.09
C VAL B 403 -14.70 21.12 -8.97
N PHE B 404 -14.46 21.67 -7.78
CA PHE B 404 -13.86 20.96 -6.66
C PHE B 404 -13.96 21.87 -5.45
N MET B 405 -14.00 21.24 -4.27
CA MET B 405 -13.93 21.98 -3.01
C MET B 405 -13.07 21.17 -2.04
N GLY B 406 -12.17 21.87 -1.36
CA GLY B 406 -11.28 21.22 -0.41
C GLY B 406 -10.64 22.19 0.55
N PRO B 407 -9.87 21.66 1.50
CA PRO B 407 -9.16 22.53 2.45
C PRO B 407 -8.00 23.25 1.79
N ALA B 408 -7.73 24.46 2.28
CA ALA B 408 -6.71 25.30 1.66
C ALA B 408 -5.31 24.80 1.94
N VAL B 409 -5.05 24.29 3.14
CA VAL B 409 -3.69 23.93 3.54
C VAL B 409 -3.74 22.68 4.41
N ILE B 410 -2.70 21.87 4.29
CA ILE B 410 -2.41 20.79 5.23
C ILE B 410 -1.20 21.21 6.04
N ALA B 411 -1.36 21.29 7.35
CA ALA B 411 -0.29 21.77 8.21
C ALA B 411 0.47 20.65 8.90
N PHE B 412 -0.23 19.65 9.43
CA PHE B 412 0.37 18.66 10.31
C PHE B 412 0.20 17.27 9.73
N GLU B 413 1.02 16.34 10.22
CA GLU B 413 0.84 14.94 9.87
C GLU B 413 -0.42 14.39 10.53
N GLY B 414 -1.11 13.48 9.84
CA GLY B 414 -2.12 12.64 10.45
C GLY B 414 -3.56 13.00 10.18
N LEU B 415 -3.82 14.16 9.55
CA LEU B 415 -5.18 14.59 9.28
C LEU B 415 -5.58 14.16 7.87
N VAL B 416 -6.72 13.48 7.76
CA VAL B 416 -7.24 12.99 6.49
C VAL B 416 -8.61 13.62 6.24
N TYR B 417 -8.76 14.25 5.09
CA TYR B 417 -10.02 14.86 4.68
C TYR B 417 -10.69 13.98 3.63
N VAL B 418 -11.94 13.60 3.88
CA VAL B 418 -12.73 12.82 2.93
C VAL B 418 -13.62 13.80 2.18
N LEU B 419 -13.40 13.92 0.87
CA LEU B 419 -14.09 14.91 0.05
C LEU B 419 -14.94 14.24 -1.01
N PRO B 420 -16.10 14.80 -1.33
CA PRO B 420 -16.98 14.20 -2.35
C PRO B 420 -16.49 14.54 -3.76
N SER B 421 -17.28 14.14 -4.74
CA SER B 421 -16.99 14.40 -6.15
C SER B 421 -18.06 15.32 -6.71
N GLY B 422 -17.62 16.37 -7.41
CA GLY B 422 -18.55 17.29 -8.05
C GLY B 422 -19.16 16.81 -9.34
N THR B 423 -18.82 15.60 -9.76
CA THR B 423 -19.31 15.03 -11.01
C THR B 423 -20.55 14.17 -10.83
N GLY B 424 -20.58 13.37 -9.77
CA GLY B 424 -21.57 12.33 -9.62
C GLY B 424 -21.15 10.96 -10.09
N ASP B 425 -19.83 10.71 -10.20
CA ASP B 425 -19.34 9.38 -10.58
C ASP B 425 -19.72 8.32 -9.56
N GLY B 426 -20.02 8.70 -8.33
CA GLY B 426 -19.93 7.79 -7.22
C GLY B 426 -18.53 7.66 -6.66
N SER B 427 -17.60 8.47 -7.15
CA SER B 427 -16.22 8.45 -6.70
C SER B 427 -16.09 9.14 -5.34
N LEU B 428 -14.87 9.18 -4.82
CA LEU B 428 -14.60 9.76 -3.52
C LEU B 428 -13.11 10.04 -3.42
N SER B 429 -12.76 11.29 -3.14
CA SER B 429 -11.37 11.71 -3.07
C SER B 429 -10.99 12.05 -1.64
N ILE B 430 -9.72 11.84 -1.30
CA ILE B 430 -9.19 12.13 0.02
C ILE B 430 -7.89 12.90 -0.13
N SER B 431 -7.70 13.89 0.75
CA SER B 431 -6.44 14.61 0.87
C SER B 431 -5.83 14.30 2.23
N LEU B 432 -4.50 14.35 2.29
CA LEU B 432 -3.84 13.80 3.46
C LEU B 432 -2.46 14.40 3.60
N GLY B 433 -2.00 14.50 4.84
CA GLY B 433 -0.65 14.96 5.12
C GLY B 433 0.13 14.01 6.02
N LEU B 434 1.19 13.43 5.49
CA LEU B 434 2.08 12.56 6.24
C LEU B 434 3.50 13.09 6.15
N GLN B 435 4.38 12.53 6.99
CA GLN B 435 5.79 12.85 6.87
C GLN B 435 6.30 12.47 5.50
N PRO B 436 7.26 13.23 4.94
CA PRO B 436 7.76 12.91 3.59
C PRO B 436 8.39 11.54 3.47
N GLU B 437 8.69 10.87 4.60
CA GLU B 437 9.28 9.55 4.59
C GLU B 437 8.26 8.44 4.34
N HIS B 438 6.96 8.74 4.45
CA HIS B 438 5.92 7.73 4.32
C HIS B 438 4.95 7.98 3.17
N MET B 439 5.06 9.12 2.47
CA MET B 439 4.12 9.40 1.39
C MET B 439 4.29 8.44 0.21
N PRO B 440 5.51 8.16 -0.29
CA PRO B 440 5.61 7.19 -1.39
C PRO B 440 5.13 5.80 -1.01
N ARG B 441 5.22 5.42 0.26
CA ARG B 441 4.73 4.11 0.69
C ARG B 441 3.22 4.11 0.83
N PHE B 442 2.65 5.17 1.40
CA PHE B 442 1.19 5.26 1.52
C PHE B 442 0.53 5.42 0.17
N GLU B 443 1.24 5.97 -0.82
CA GLU B 443 0.65 6.20 -2.13
C GLU B 443 0.27 4.90 -2.81
N GLN B 444 1.07 3.85 -2.62
CA GLN B 444 0.78 2.55 -3.22
C GLN B 444 -0.06 1.66 -2.33
N LEU B 445 -0.08 1.91 -1.02
CA LEU B 445 -0.95 1.14 -0.13
C LEU B 445 -2.42 1.54 -0.31
N ILE B 446 -2.68 2.80 -0.65
CA ILE B 446 -4.06 3.29 -0.73
C ILE B 446 -4.75 2.86 -2.02
N GLY B 447 -3.99 2.52 -3.06
CA GLY B 447 -4.60 2.08 -4.30
C GLY B 447 -4.84 0.60 -4.34
N GLN B 448 -4.17 -0.14 -3.46
CA GLN B 448 -4.31 -1.59 -3.37
C GLN B 448 -5.40 -1.91 -2.35
N ILE B 449 -6.53 -2.43 -2.82
CA ILE B 449 -7.65 -2.74 -1.95
C ILE B 449 -7.97 -4.23 -1.98
#